data_7ZZP
#
_entry.id   7ZZP
#
_cell.length_a   93.247
_cell.length_b   98.847
_cell.length_c   140.770
_cell.angle_alpha   90.000
_cell.angle_beta   90.000
_cell.angle_gamma   90.000
#
_symmetry.space_group_name_H-M   'P 21 21 21'
#
loop_
_entity.id
_entity.type
_entity.pdbx_description
1 polymer 'Histone deacetylase 2'
2 non-polymer 'ZINC ION'
3 non-polymer 'CALCIUM ION'
4 non-polymer 'SODIUM ION'
5 non-polymer 'TRIETHYLENE GLYCOL'
6 non-polymer 1,2-ETHANEDIOL
7 non-polymer 6-methyl-4-oxidanyl-pyran-2-one
8 non-polymer '(2S)-2-HYDROXYPROPANOIC ACID'
9 non-polymer 'TETRAETHYLENE GLYCOL'
10 non-polymer DI(HYDROXYETHYL)ETHER
11 non-polymer '2-[N-CYCLOHEXYLAMINO]ETHANE SULFONIC ACID'
12 non-polymer 'DIMETHYL SULFOXIDE'
13 water water
#
_entity_poly.entity_id   1
_entity_poly.type   'polypeptide(L)'
_entity_poly.pdbx_seq_one_letter_code
;MAYSQGGGKKKVCYYYDGDIGNYYYGQGHPMKPHRIRMTHNLLLNYGLYRKMEIYRPHKATAEEMTKYHSDEYIKFLRSI
RPDNMSEYSKQMQRFNVGEDCPVFDGLFEFCQLSTGGSVAGAVKLNRQQTDMAVNWAGGLHHAKKSEASGFCYVNDIVLA
ILELLKYHQRVLYIDIDIHHGDGVEEAFYTTDRVMTVSFHKYGEYFPGTGDLRDIGAGKGKYYAVNFPMRDGIDDESYGQ
IFKPIISKVMEMYQPSAVVLQCGADSLSGDRLGCFNLTVKGHAKCVEVVKTFNLPLLMLGGGGYTIRNVARCWTYETAVA
LDCEIPNELPYNDYFEYFGPDFKLHISPSNMTNQNTPEYMEKIKQRLFENLRMLPHAPGVQMQAIPEDAVHEDSGDEDGE
DPDKRISIRASDKRIACDEEFSDSEDEGEGGRRNVADHKKGAKKARIEEDKKETEDKKTDVKEEDKSKDNSGEKTDTKGT
KSEQLSNPGSSGHHHHHH
;
_entity_poly.pdbx_strand_id   A,B,C
#
# COMPACT_ATOMS: atom_id res chain seq x y z
N GLY A 7 14.33 47.53 -5.75
CA GLY A 7 14.05 46.59 -6.88
C GLY A 7 12.63 46.06 -6.86
N GLY A 8 11.77 46.71 -6.06
CA GLY A 8 10.38 46.34 -5.98
C GLY A 8 10.13 45.21 -5.00
N LYS A 9 8.86 45.07 -4.63
CA LYS A 9 8.38 43.95 -3.83
C LYS A 9 8.27 42.72 -4.72
N LYS A 10 8.40 41.54 -4.13
CA LYS A 10 8.53 40.31 -4.96
C LYS A 10 7.26 39.45 -4.81
N LYS A 11 6.89 38.75 -5.89
CA LYS A 11 5.85 37.70 -5.79
C LYS A 11 6.44 36.43 -5.15
N VAL A 12 5.76 35.92 -4.11
CA VAL A 12 6.19 34.74 -3.35
C VAL A 12 5.14 33.63 -3.48
N CYS A 13 5.60 32.44 -3.86
CA CYS A 13 4.81 31.19 -3.82
C CYS A 13 5.35 30.30 -2.71
N TYR A 14 4.49 29.85 -1.81
CA TYR A 14 4.87 29.10 -0.58
C TYR A 14 4.21 27.71 -0.61
N TYR A 15 4.99 26.67 -0.29
CA TYR A 15 4.58 25.22 -0.35
C TYR A 15 4.42 24.61 1.05
N TYR A 16 3.27 24.00 1.31
CA TYR A 16 2.97 23.33 2.61
C TYR A 16 1.93 22.23 2.42
N ASP A 17 2.21 21.04 2.99
CA ASP A 17 1.20 19.98 3.12
C ASP A 17 0.79 19.78 4.60
N GLY A 18 -0.51 19.88 4.88
CA GLY A 18 -1.03 19.77 6.24
C GLY A 18 -0.77 18.40 6.89
N ASP A 19 -0.38 17.39 6.12
CA ASP A 19 0.02 16.08 6.69
C ASP A 19 1.45 16.02 7.26
N ILE A 20 2.31 16.97 6.87
CA ILE A 20 3.76 16.89 7.12
C ILE A 20 4.06 16.78 8.62
N GLY A 21 3.31 17.47 9.47
CA GLY A 21 3.64 17.52 10.89
C GLY A 21 3.35 16.23 11.64
N ASN A 22 2.69 15.26 10.99
CA ASN A 22 2.32 14.00 11.64
C ASN A 22 3.40 12.91 11.48
N TYR A 23 4.40 13.09 10.62
CA TYR A 23 5.52 12.11 10.48
C TYR A 23 6.39 12.19 11.74
N TYR A 24 6.78 11.03 12.26
CA TYR A 24 7.44 10.94 13.58
C TYR A 24 8.68 10.03 13.49
N TYR A 25 9.85 10.60 13.76
CA TYR A 25 11.12 9.86 13.66
C TYR A 25 11.30 8.89 14.84
N GLY A 26 10.51 8.99 15.91
CA GLY A 26 10.60 8.06 17.04
C GLY A 26 10.95 8.75 18.35
N GLN A 27 10.73 8.04 19.45
CA GLN A 27 10.93 8.59 20.79
C GLN A 27 12.40 9.00 20.97
N GLY A 28 12.62 10.24 21.40
CA GLY A 28 13.97 10.73 21.67
C GLY A 28 14.68 11.31 20.46
N HIS A 29 14.19 11.09 19.24
CA HIS A 29 14.90 11.59 18.05
C HIS A 29 14.74 13.12 17.96
N PRO A 30 15.84 13.88 17.82
CA PRO A 30 15.73 15.36 17.76
C PRO A 30 15.02 15.96 16.53
N MET A 31 14.94 15.24 15.39
CA MET A 31 14.28 15.77 14.19
C MET A 31 12.75 15.63 14.32
N LYS A 32 12.05 16.77 14.26
CA LYS A 32 10.60 16.85 14.58
C LYS A 32 9.86 17.58 13.45
N PRO A 33 9.30 16.80 12.49
CA PRO A 33 8.47 17.42 11.41
C PRO A 33 7.35 18.35 11.91
N HIS A 34 6.84 18.14 13.11
CA HIS A 34 5.88 19.05 13.77
C HIS A 34 6.32 20.53 13.69
N ARG A 35 7.64 20.81 13.71
CA ARG A 35 8.12 22.20 13.66
C ARG A 35 7.66 22.93 12.37
N ILE A 36 7.42 22.20 11.28
N ILE A 36 7.42 22.18 11.29
CA ILE A 36 6.94 22.81 10.03
CA ILE A 36 6.91 22.75 10.01
C ILE A 36 5.46 23.24 10.18
C ILE A 36 5.47 23.24 10.18
N ARG A 37 4.67 22.45 10.90
CA ARG A 37 3.27 22.82 11.22
C ARG A 37 3.24 24.02 12.17
N MET A 38 4.14 24.07 13.17
CA MET A 38 4.20 25.21 14.09
C MET A 38 4.52 26.49 13.30
N THR A 39 5.48 26.39 12.37
CA THR A 39 5.89 27.53 11.51
C THR A 39 4.67 28.03 10.71
N HIS A 40 3.97 27.09 10.06
CA HIS A 40 2.80 27.43 9.22
C HIS A 40 1.72 28.14 10.06
N ASN A 41 1.40 27.57 11.21
CA ASN A 41 0.31 28.10 12.05
C ASN A 41 0.67 29.51 12.57
N LEU A 42 1.93 29.72 12.92
CA LEU A 42 2.36 31.04 13.41
C LEU A 42 2.23 32.07 12.26
N LEU A 43 2.72 31.74 11.06
CA LEU A 43 2.71 32.78 10.02
C LEU A 43 1.26 33.01 9.54
N LEU A 44 0.36 32.00 9.56
CA LEU A 44 -1.07 32.25 9.24
C LEU A 44 -1.66 33.24 10.27
N ASN A 45 -1.30 33.09 11.56
CA ASN A 45 -1.88 33.94 12.61
C ASN A 45 -1.32 35.38 12.56
N TYR A 46 -0.16 35.60 11.91
CA TYR A 46 0.34 36.97 11.64
C TYR A 46 -0.36 37.57 10.40
N GLY A 47 -1.20 36.79 9.68
CA GLY A 47 -1.87 37.29 8.48
C GLY A 47 -1.07 37.20 7.18
N LEU A 48 0.04 36.47 7.13
CA LEU A 48 0.97 36.53 5.94
C LEU A 48 0.33 35.82 4.72
N TYR A 49 -0.69 34.99 4.92
CA TYR A 49 -1.45 34.40 3.79
C TYR A 49 -2.07 35.47 2.88
N ARG A 50 -2.30 36.69 3.39
CA ARG A 50 -2.93 37.75 2.55
C ARG A 50 -1.94 38.30 1.51
N LYS A 51 -0.66 37.99 1.62
CA LYS A 51 0.41 38.65 0.86
C LYS A 51 1.13 37.67 -0.09
N MET A 52 0.77 36.39 -0.08
CA MET A 52 1.49 35.37 -0.89
C MET A 52 0.51 34.29 -1.36
N GLU A 53 0.91 33.52 -2.36
CA GLU A 53 0.12 32.39 -2.88
C GLU A 53 0.57 31.12 -2.14
N ILE A 54 -0.40 30.35 -1.61
CA ILE A 54 -0.09 29.10 -0.85
C ILE A 54 -0.53 27.89 -1.69
N TYR A 55 0.43 26.99 -1.94
CA TYR A 55 0.27 25.76 -2.75
C TYR A 55 0.54 24.53 -1.88
N ARG A 56 -0.19 23.45 -2.16
CA ARG A 56 0.17 22.11 -1.63
C ARG A 56 1.22 21.53 -2.59
N PRO A 57 2.29 20.90 -2.09
CA PRO A 57 3.22 20.18 -2.99
C PRO A 57 2.54 18.93 -3.55
N HIS A 58 2.89 18.50 -4.77
CA HIS A 58 2.61 17.13 -5.23
C HIS A 58 3.58 16.16 -4.54
N LYS A 59 3.27 14.88 -4.62
CA LYS A 59 4.26 13.84 -4.24
C LYS A 59 5.20 13.53 -5.40
N ALA A 60 6.49 13.80 -5.23
CA ALA A 60 7.49 13.40 -6.22
C ALA A 60 7.51 11.87 -6.36
N THR A 61 7.63 11.37 -7.60
CA THR A 61 7.65 9.90 -7.83
C THR A 61 9.08 9.35 -7.64
N ALA A 62 9.13 8.03 -7.41
CA ALA A 62 10.41 7.30 -7.34
C ALA A 62 11.24 7.59 -8.60
N GLU A 63 10.60 7.59 -9.76
CA GLU A 63 11.30 7.85 -11.01
C GLU A 63 11.92 9.26 -11.01
N GLU A 64 11.18 10.27 -10.55
CA GLU A 64 11.68 11.67 -10.49
C GLU A 64 12.92 11.74 -9.58
N MET A 65 12.91 10.97 -8.50
CA MET A 65 14.04 10.95 -7.57
C MET A 65 15.29 10.36 -8.23
N THR A 66 15.15 9.46 -9.21
CA THR A 66 16.31 8.82 -9.86
C THR A 66 16.96 9.74 -10.90
N LYS A 67 16.49 10.98 -11.05
CA LYS A 67 17.27 12.00 -11.80
C LYS A 67 18.62 12.23 -11.09
N TYR A 68 18.71 11.92 -9.78
CA TYR A 68 20.00 11.97 -9.06
C TYR A 68 20.32 10.64 -8.35
N HIS A 69 19.38 10.09 -7.58
CA HIS A 69 19.65 8.92 -6.73
C HIS A 69 19.67 7.61 -7.54
N SER A 70 20.40 6.59 -7.04
CA SER A 70 20.45 5.29 -7.72
C SER A 70 19.10 4.57 -7.67
N ASP A 71 18.83 3.78 -8.72
CA ASP A 71 17.64 2.92 -8.75
C ASP A 71 17.54 2.02 -7.51
N GLU A 72 18.68 1.40 -7.11
CA GLU A 72 18.69 0.43 -6.00
C GLU A 72 18.31 1.12 -4.69
N TYR A 73 18.84 2.33 -4.44
CA TYR A 73 18.55 3.08 -3.18
C TYR A 73 17.06 3.48 -3.15
N ILE A 74 16.54 4.02 -4.25
CA ILE A 74 15.12 4.45 -4.26
C ILE A 74 14.19 3.23 -4.15
N LYS A 75 14.51 2.12 -4.81
CA LYS A 75 13.68 0.89 -4.68
C LYS A 75 13.62 0.46 -3.20
N PHE A 76 14.74 0.56 -2.49
CA PHE A 76 14.78 0.22 -1.07
C PHE A 76 13.92 1.20 -0.26
N LEU A 77 14.05 2.52 -0.50
CA LEU A 77 13.31 3.49 0.33
C LEU A 77 11.78 3.32 0.14
N ARG A 78 11.35 2.95 -1.06
CA ARG A 78 9.90 2.82 -1.36
C ARG A 78 9.36 1.48 -0.84
N SER A 79 10.21 0.55 -0.38
CA SER A 79 9.84 -0.82 0.07
C SER A 79 9.95 -1.01 1.59
N ILE A 80 10.90 -0.34 2.24
CA ILE A 80 11.23 -0.59 3.66
C ILE A 80 10.11 -0.06 4.58
N ARG A 81 9.72 -0.85 5.57
CA ARG A 81 8.70 -0.48 6.58
C ARG A 81 9.08 -1.05 7.96
N PRO A 82 8.56 -0.48 9.05
CA PRO A 82 8.84 -1.13 10.36
C PRO A 82 8.46 -2.61 10.46
N ASP A 83 7.43 -3.07 9.75
CA ASP A 83 7.02 -4.48 9.84
C ASP A 83 7.88 -5.49 9.04
N ASN A 84 8.74 -5.02 8.14
CA ASN A 84 9.56 -5.92 7.31
C ASN A 84 11.07 -5.68 7.53
N MET A 85 11.44 -4.87 8.54
CA MET A 85 12.85 -4.48 8.81
C MET A 85 13.76 -5.70 8.98
N SER A 86 13.27 -6.71 9.70
CA SER A 86 14.06 -7.92 10.01
C SER A 86 14.56 -8.60 8.73
N GLU A 87 13.77 -8.53 7.66
CA GLU A 87 14.11 -9.18 6.40
C GLU A 87 15.15 -8.36 5.61
N TYR A 88 15.37 -7.10 6.01
CA TYR A 88 16.17 -6.15 5.22
C TYR A 88 17.46 -5.73 5.96
N SER A 89 17.96 -6.52 6.91
CA SER A 89 19.09 -6.12 7.77
C SER A 89 20.30 -5.68 6.93
N LYS A 90 20.64 -6.48 5.92
CA LYS A 90 21.82 -6.19 5.07
C LYS A 90 21.64 -4.86 4.34
N GLN A 91 20.45 -4.63 3.78
CA GLN A 91 20.22 -3.47 2.93
C GLN A 91 20.21 -2.18 3.78
N MET A 92 19.67 -2.29 4.98
CA MET A 92 19.65 -1.16 5.89
C MET A 92 21.08 -0.67 6.17
N GLN A 93 22.02 -1.58 6.34
CA GLN A 93 23.41 -1.18 6.64
C GLN A 93 24.05 -0.52 5.42
N ARG A 94 23.87 -1.13 4.24
CA ARG A 94 24.43 -0.58 3.01
C ARG A 94 23.93 0.87 2.77
N PHE A 95 22.66 1.13 3.07
CA PHE A 95 22.06 2.41 2.70
C PHE A 95 22.06 3.40 3.88
N ASN A 96 22.67 3.01 5.01
CA ASN A 96 22.82 3.82 6.24
C ASN A 96 21.45 4.23 6.82
N VAL A 97 20.53 3.27 6.85
CA VAL A 97 19.22 3.49 7.46
C VAL A 97 19.08 2.58 8.68
N GLY A 98 18.39 3.06 9.71
CA GLY A 98 18.02 2.24 10.88
C GLY A 98 18.65 2.69 12.19
N GLU A 99 19.48 3.72 12.19
CA GLU A 99 20.06 4.30 13.43
C GLU A 99 19.76 5.81 13.45
N ASP A 100 20.70 6.69 13.09
CA ASP A 100 20.43 8.14 13.04
C ASP A 100 19.35 8.54 12.02
N CYS A 101 19.21 7.70 10.99
CA CYS A 101 18.21 7.82 9.94
C CYS A 101 17.28 6.61 10.03
N PRO A 102 16.31 6.65 10.98
CA PRO A 102 15.47 5.48 11.26
C PRO A 102 14.42 5.15 10.18
N VAL A 103 13.91 3.92 10.26
CA VAL A 103 12.68 3.53 9.55
C VAL A 103 11.47 3.94 10.39
N PHE A 104 10.52 4.70 9.82
CA PHE A 104 9.30 5.08 10.52
C PHE A 104 8.12 4.97 9.55
N ASP A 105 6.90 4.88 10.11
CA ASP A 105 5.69 4.75 9.30
C ASP A 105 5.60 5.94 8.36
N GLY A 106 5.43 5.67 7.07
CA GLY A 106 5.25 6.74 6.07
C GLY A 106 6.53 7.45 5.66
N LEU A 107 7.70 6.85 5.95
CA LEU A 107 9.00 7.43 5.55
C LEU A 107 9.02 7.85 4.08
N PHE A 108 8.61 6.95 3.16
CA PHE A 108 8.72 7.30 1.72
C PHE A 108 7.80 8.51 1.40
N GLU A 109 6.55 8.50 1.91
CA GLU A 109 5.61 9.64 1.69
C GLU A 109 6.21 10.97 2.20
N PHE A 110 6.87 10.97 3.36
CA PHE A 110 7.54 12.18 3.90
C PHE A 110 8.58 12.69 2.89
N CYS A 111 9.41 11.79 2.34
CA CYS A 111 10.41 12.14 1.35
C CYS A 111 9.75 12.72 0.09
N GLN A 112 8.63 12.13 -0.32
CA GLN A 112 7.91 12.57 -1.55
C GLN A 112 7.37 14.02 -1.41
N LEU A 113 6.89 14.37 -0.22
CA LEU A 113 6.32 15.72 0.05
C LEU A 113 7.43 16.75 0.24
N SER A 114 8.49 16.40 0.98
CA SER A 114 9.67 17.26 1.12
C SER A 114 10.25 17.63 -0.26
N THR A 115 10.45 16.61 -1.09
CA THR A 115 11.00 16.77 -2.44
C THR A 115 10.02 17.52 -3.36
N GLY A 116 8.74 17.16 -3.31
CA GLY A 116 7.73 17.79 -4.19
C GLY A 116 7.70 19.30 -4.03
N GLY A 117 7.80 19.80 -2.80
CA GLY A 117 7.79 21.26 -2.60
C GLY A 117 8.97 21.96 -3.28
N SER A 118 10.15 21.37 -3.19
CA SER A 118 11.35 21.99 -3.77
C SER A 118 11.32 21.98 -5.31
N VAL A 119 10.95 20.84 -5.89
CA VAL A 119 10.91 20.73 -7.35
C VAL A 119 9.75 21.57 -7.90
N ALA A 120 8.58 21.57 -7.24
CA ALA A 120 7.44 22.41 -7.69
C ALA A 120 7.85 23.90 -7.70
N GLY A 121 8.56 24.32 -6.65
CA GLY A 121 9.04 25.73 -6.61
C GLY A 121 10.01 26.05 -7.75
N ALA A 122 10.95 25.14 -8.01
CA ALA A 122 11.91 25.28 -9.14
C ALA A 122 11.17 25.42 -10.49
N VAL A 123 10.11 24.62 -10.73
CA VAL A 123 9.33 24.72 -11.97
C VAL A 123 8.65 26.10 -12.06
N LYS A 124 8.06 26.57 -10.97
CA LYS A 124 7.38 27.88 -10.94
C LYS A 124 8.37 29.00 -11.29
N LEU A 125 9.60 28.92 -10.77
CA LEU A 125 10.66 29.92 -11.07
C LEU A 125 11.06 29.84 -12.54
N ASN A 126 11.27 28.62 -13.07
CA ASN A 126 11.64 28.43 -14.48
C ASN A 126 10.57 29.03 -15.42
N ARG A 127 9.28 28.91 -15.07
CA ARG A 127 8.18 29.38 -15.88
C ARG A 127 7.96 30.90 -15.73
N GLN A 128 8.75 31.57 -14.88
CA GLN A 128 8.65 33.02 -14.62
C GLN A 128 7.25 33.36 -14.06
N GLN A 129 6.67 32.44 -13.24
CA GLN A 129 5.37 32.66 -12.61
C GLN A 129 5.55 33.17 -11.18
N THR A 130 6.77 33.26 -10.67
CA THR A 130 7.04 33.82 -9.34
C THR A 130 8.47 34.36 -9.30
N ASP A 131 8.74 35.27 -8.35
CA ASP A 131 10.12 35.75 -8.06
C ASP A 131 10.84 34.92 -7.00
N MET A 132 10.10 34.45 -5.99
CA MET A 132 10.60 33.63 -4.93
C MET A 132 9.66 32.43 -4.72
N ALA A 133 10.24 31.27 -4.42
CA ALA A 133 9.47 30.09 -3.95
C ALA A 133 10.04 29.64 -2.60
N VAL A 134 9.17 29.18 -1.68
CA VAL A 134 9.55 28.82 -0.31
C VAL A 134 9.07 27.39 -0.01
N ASN A 135 9.96 26.54 0.50
CA ASN A 135 9.60 25.16 0.97
C ASN A 135 10.31 24.85 2.29
N TRP A 136 9.68 25.17 3.43
CA TRP A 136 10.34 24.95 4.72
C TRP A 136 10.52 23.45 5.05
N ALA A 137 9.77 22.53 4.42
CA ALA A 137 9.96 21.07 4.58
C ALA A 137 11.16 20.52 3.78
N GLY A 138 11.81 21.33 2.94
CA GLY A 138 12.99 20.91 2.17
C GLY A 138 14.30 21.34 2.82
N GLY A 139 15.38 21.34 2.03
CA GLY A 139 16.73 21.69 2.50
C GLY A 139 17.50 20.54 3.13
N LEU A 140 17.21 19.27 2.73
CA LEU A 140 17.77 18.11 3.44
C LEU A 140 19.12 17.74 2.78
N HIS A 141 20.11 18.59 3.09
CA HIS A 141 21.39 18.72 2.33
C HIS A 141 22.38 17.56 2.51
N HIS A 142 22.19 16.63 3.47
CA HIS A 142 23.19 15.58 3.71
C HIS A 142 22.94 14.31 2.87
N ALA A 143 21.73 14.15 2.27
CA ALA A 143 21.45 12.87 1.57
C ALA A 143 22.41 12.71 0.37
N LYS A 144 22.88 11.48 0.14
CA LYS A 144 23.85 11.16 -0.91
C LYS A 144 23.19 10.32 -2.02
N LYS A 145 23.89 10.13 -3.15
CA LYS A 145 23.34 9.39 -4.32
C LYS A 145 22.73 8.04 -3.91
N SER A 146 23.42 7.28 -3.05
CA SER A 146 23.01 5.92 -2.70
C SER A 146 23.06 5.67 -1.18
N GLU A 147 22.89 6.71 -0.35
CA GLU A 147 22.74 6.46 1.09
C GLU A 147 22.12 7.68 1.80
N ALA A 148 21.42 7.37 2.90
CA ALA A 148 20.89 8.36 3.83
C ALA A 148 22.03 8.89 4.71
N SER A 149 21.88 10.12 5.22
CA SER A 149 22.87 10.68 6.15
C SER A 149 22.28 11.85 6.92
N GLY A 150 22.59 11.99 8.21
CA GLY A 150 22.29 13.24 8.93
C GLY A 150 20.81 13.61 8.97
N PHE A 151 19.95 12.58 9.14
CA PHE A 151 18.47 12.68 9.23
C PHE A 151 17.82 12.95 7.86
N CYS A 152 18.59 12.90 6.77
CA CYS A 152 18.16 13.22 5.39
C CYS A 152 18.17 11.95 4.54
N TYR A 153 17.12 11.69 3.73
CA TYR A 153 17.02 10.45 2.94
C TYR A 153 17.10 10.77 1.44
N VAL A 154 16.31 11.77 0.97
CA VAL A 154 16.31 12.17 -0.43
C VAL A 154 16.79 13.62 -0.54
N ASN A 155 17.73 13.91 -1.46
CA ASN A 155 18.32 15.27 -1.54
C ASN A 155 17.42 16.14 -2.44
N ASP A 156 16.40 16.76 -1.82
CA ASP A 156 15.45 17.63 -2.52
C ASP A 156 16.18 18.81 -3.18
N ILE A 157 17.29 19.24 -2.59
CA ILE A 157 18.04 20.41 -3.10
C ILE A 157 18.69 20.07 -4.45
N VAL A 158 19.37 18.92 -4.51
CA VAL A 158 20.03 18.49 -5.75
C VAL A 158 18.96 18.35 -6.87
N LEU A 159 17.83 17.73 -6.55
CA LEU A 159 16.75 17.54 -7.53
C LEU A 159 16.20 18.90 -8.00
N ALA A 160 16.01 19.86 -7.09
CA ALA A 160 15.53 21.21 -7.50
C ALA A 160 16.55 21.93 -8.39
N ILE A 161 17.83 21.80 -8.07
CA ILE A 161 18.90 22.44 -8.88
C ILE A 161 18.95 21.82 -10.28
N LEU A 162 18.83 20.49 -10.40
CA LEU A 162 18.76 19.85 -11.73
C LEU A 162 17.58 20.41 -12.54
N GLU A 163 16.44 20.69 -11.89
CA GLU A 163 15.28 21.32 -12.57
C GLU A 163 15.68 22.72 -13.06
N LEU A 164 16.29 23.53 -12.18
CA LEU A 164 16.71 24.91 -12.58
C LEU A 164 17.71 24.87 -13.74
N LEU A 165 18.61 23.89 -13.78
CA LEU A 165 19.63 23.81 -14.84
C LEU A 165 19.01 23.56 -16.23
N LYS A 166 17.73 23.18 -16.32
CA LYS A 166 17.10 23.05 -17.65
C LYS A 166 17.04 24.41 -18.36
N TYR A 167 16.94 25.50 -17.58
CA TYR A 167 16.73 26.84 -18.15
C TYR A 167 17.81 27.85 -17.71
N HIS A 168 18.72 27.48 -16.82
CA HIS A 168 19.75 28.40 -16.28
C HIS A 168 21.15 27.80 -16.48
N GLN A 169 22.04 28.54 -17.15
CA GLN A 169 23.41 28.04 -17.39
C GLN A 169 24.19 27.90 -16.07
N ARG A 170 24.04 28.86 -15.15
CA ARG A 170 24.78 28.90 -13.86
C ARG A 170 23.80 29.09 -12.70
N VAL A 171 23.86 28.20 -11.71
CA VAL A 171 23.03 28.23 -10.49
C VAL A 171 23.94 28.36 -9.27
N LEU A 172 23.61 29.29 -8.36
CA LEU A 172 24.36 29.48 -7.10
C LEU A 172 23.59 28.85 -5.93
N TYR A 173 24.29 28.05 -5.12
CA TYR A 173 23.75 27.43 -3.89
C TYR A 173 24.46 28.03 -2.67
N ILE A 174 23.69 28.51 -1.68
CA ILE A 174 24.22 29.10 -0.43
C ILE A 174 23.60 28.35 0.78
N ASP A 175 24.43 27.96 1.77
CA ASP A 175 23.99 27.06 2.88
C ASP A 175 24.39 27.68 4.24
N ILE A 176 23.43 28.21 5.02
CA ILE A 176 23.70 28.84 6.34
C ILE A 176 23.30 27.92 7.51
N ASP A 177 22.90 26.69 7.22
CA ASP A 177 22.82 25.64 8.25
C ASP A 177 24.16 25.55 9.02
N ILE A 178 24.16 25.18 10.32
CA ILE A 178 25.43 25.05 11.06
C ILE A 178 26.30 23.92 10.51
N HIS A 179 25.70 22.93 9.83
CA HIS A 179 26.45 21.80 9.26
C HIS A 179 26.86 22.06 7.81
N HIS A 180 28.01 21.49 7.42
CA HIS A 180 28.50 21.54 6.02
C HIS A 180 27.47 20.94 5.05
N GLY A 181 27.19 21.65 3.95
CA GLY A 181 26.31 21.15 2.86
C GLY A 181 26.99 20.10 1.96
N ASP A 182 27.37 18.98 2.58
CA ASP A 182 28.17 17.93 1.91
C ASP A 182 27.50 17.23 0.71
N GLY A 183 26.22 16.89 0.84
CA GLY A 183 25.55 16.15 -0.23
C GLY A 183 25.39 16.99 -1.49
N VAL A 184 25.10 18.28 -1.34
CA VAL A 184 24.96 19.20 -2.48
C VAL A 184 26.33 19.46 -3.12
N GLU A 185 27.33 19.73 -2.28
CA GLU A 185 28.70 19.96 -2.78
C GLU A 185 29.20 18.75 -3.58
N GLU A 186 28.98 17.53 -3.06
CA GLU A 186 29.48 16.29 -3.72
C GLU A 186 28.80 16.09 -5.08
N ALA A 187 27.49 16.35 -5.16
CA ALA A 187 26.75 16.15 -6.43
C ALA A 187 27.33 17.01 -7.56
N PHE A 188 27.78 18.24 -7.22
CA PHE A 188 28.18 19.25 -8.23
C PHE A 188 29.70 19.55 -8.15
N TYR A 189 30.48 18.67 -7.52
CA TYR A 189 31.90 18.96 -7.19
C TYR A 189 32.75 19.14 -8.46
N THR A 190 32.39 18.50 -9.57
CA THR A 190 33.21 18.53 -10.79
C THR A 190 32.56 19.33 -11.92
N THR A 191 31.57 20.19 -11.61
CA THR A 191 30.97 21.07 -12.65
C THR A 191 31.07 22.55 -12.24
N ASP A 192 31.28 23.39 -13.24
CA ASP A 192 31.18 24.86 -13.07
C ASP A 192 29.76 25.43 -13.24
N ARG A 193 28.77 24.58 -13.56
CA ARG A 193 27.37 25.05 -13.76
C ARG A 193 26.62 25.20 -12.42
N VAL A 194 27.16 24.70 -11.31
CA VAL A 194 26.66 24.99 -9.95
C VAL A 194 27.85 25.40 -9.06
N MET A 195 27.79 26.60 -8.48
CA MET A 195 28.76 26.99 -7.44
C MET A 195 28.07 26.75 -6.08
N THR A 196 28.75 26.03 -5.17
CA THR A 196 28.23 25.79 -3.83
C THR A 196 29.03 26.59 -2.79
N VAL A 197 28.33 27.28 -1.88
CA VAL A 197 28.95 28.13 -0.86
C VAL A 197 28.35 27.74 0.51
N SER A 198 29.17 27.16 1.39
CA SER A 198 28.72 26.71 2.74
C SER A 198 29.51 27.42 3.85
N PHE A 199 28.75 27.94 4.84
CA PHE A 199 29.27 28.46 6.12
C PHE A 199 28.88 27.44 7.21
N HIS A 200 29.80 27.02 8.07
CA HIS A 200 29.50 25.90 8.99
C HIS A 200 30.56 25.77 10.09
N LYS A 201 30.15 25.17 11.21
CA LYS A 201 31.08 24.71 12.24
C LYS A 201 31.98 23.61 11.66
N TYR A 202 33.28 23.73 11.93
CA TYR A 202 34.29 22.78 11.43
C TYR A 202 35.27 22.46 12.56
N GLY A 203 35.48 21.16 12.76
CA GLY A 203 36.39 20.64 13.79
C GLY A 203 35.66 19.73 14.79
N GLU A 204 35.95 18.44 14.74
CA GLU A 204 35.25 17.45 15.60
C GLU A 204 33.74 17.72 15.59
N TYR A 205 33.13 17.72 14.40
CA TYR A 205 31.72 18.04 14.25
C TYR A 205 31.18 17.39 12.97
N PHE A 206 29.94 16.90 13.03
CA PHE A 206 29.28 16.29 11.88
C PHE A 206 29.18 17.28 10.71
N PRO A 207 29.42 16.87 9.45
CA PRO A 207 29.76 15.51 8.96
C PRO A 207 31.26 15.26 8.80
N GLY A 208 32.11 16.24 9.12
CA GLY A 208 33.56 16.04 9.10
C GLY A 208 34.24 16.66 7.89
N THR A 209 33.48 17.22 6.97
CA THR A 209 33.98 17.79 5.71
C THR A 209 33.79 19.33 5.69
N GLY A 210 34.26 19.97 4.63
CA GLY A 210 34.11 21.44 4.48
C GLY A 210 35.32 22.25 4.97
N ASP A 211 36.53 21.70 4.84
CA ASP A 211 37.75 22.45 5.11
C ASP A 211 37.85 23.59 4.09
N LEU A 212 38.52 24.69 4.48
CA LEU A 212 38.63 25.81 3.47
CA LEU A 212 38.79 25.82 3.60
C LEU A 212 39.45 25.37 2.27
N ARG A 213 40.28 24.30 2.38
CA ARG A 213 41.07 23.80 1.22
C ARG A 213 40.25 22.87 0.30
N ASP A 214 38.97 22.60 0.63
CA ASP A 214 38.09 21.84 -0.29
CA ASP A 214 38.03 21.85 -0.21
C ASP A 214 37.46 22.86 -1.24
N ILE A 215 37.94 22.82 -2.51
CA ILE A 215 37.63 23.88 -3.51
C ILE A 215 36.98 23.33 -4.78
N GLY A 216 36.65 22.05 -4.86
CA GLY A 216 36.18 21.43 -6.12
C GLY A 216 37.30 20.77 -6.92
N ALA A 217 36.92 20.17 -8.05
CA ALA A 217 37.86 19.41 -8.87
C ALA A 217 37.44 19.44 -10.35
N GLY A 218 38.43 19.26 -11.23
CA GLY A 218 38.20 19.26 -12.67
C GLY A 218 37.63 20.59 -13.13
N LYS A 219 36.61 20.54 -13.97
CA LYS A 219 35.92 21.75 -14.42
C LYS A 219 35.32 22.51 -13.24
N GLY A 220 35.04 21.82 -12.13
CA GLY A 220 34.49 22.45 -10.92
C GLY A 220 35.55 23.02 -9.95
N LYS A 221 36.83 22.98 -10.29
CA LYS A 221 37.85 23.58 -9.40
C LYS A 221 37.60 25.09 -9.30
N TYR A 222 37.51 25.57 -8.06
CA TYR A 222 37.24 26.95 -7.62
C TYR A 222 35.73 27.23 -7.58
N TYR A 223 34.88 26.24 -7.83
CA TYR A 223 33.40 26.44 -7.78
C TYR A 223 32.77 25.76 -6.54
N ALA A 224 33.60 25.31 -5.57
CA ALA A 224 33.13 24.99 -4.20
C ALA A 224 33.87 25.92 -3.24
N VAL A 225 33.12 26.55 -2.34
CA VAL A 225 33.58 27.55 -1.40
C VAL A 225 33.10 27.13 0.01
N ASN A 226 34.06 27.06 0.94
CA ASN A 226 33.79 26.61 2.34
C ASN A 226 34.39 27.61 3.35
N PHE A 227 33.55 28.10 4.26
CA PHE A 227 33.95 29.00 5.37
C PHE A 227 33.83 28.25 6.71
N PRO A 228 34.94 27.63 7.15
CA PRO A 228 34.91 26.90 8.44
C PRO A 228 34.93 27.84 9.66
N MET A 229 34.07 27.55 10.66
CA MET A 229 33.88 28.41 11.84
C MET A 229 34.03 27.61 13.15
N ARG A 230 34.31 28.31 14.23
CA ARG A 230 34.42 27.74 15.60
C ARG A 230 33.13 28.01 16.39
N ASP A 231 33.05 27.45 17.60
CA ASP A 231 31.89 27.67 18.47
C ASP A 231 31.61 29.16 18.74
N GLY A 232 30.34 29.52 18.84
CA GLY A 232 29.97 30.79 19.50
C GLY A 232 29.87 31.99 18.57
N ILE A 233 29.87 31.80 17.24
CA ILE A 233 29.80 32.96 16.34
C ILE A 233 28.52 33.75 16.62
N ASP A 234 28.64 35.07 16.56
CA ASP A 234 27.53 36.00 16.88
C ASP A 234 27.10 36.80 15.64
N ASP A 235 26.03 37.59 15.78
CA ASP A 235 25.50 38.36 14.67
C ASP A 235 26.56 39.31 14.02
N GLU A 236 27.33 40.02 14.85
CA GLU A 236 28.37 40.98 14.37
C GLU A 236 29.42 40.24 13.51
N SER A 237 29.95 39.13 14.01
CA SER A 237 30.99 38.37 13.29
C SER A 237 30.46 37.79 11.97
N TYR A 238 29.24 37.26 11.99
CA TYR A 238 28.69 36.63 10.76
C TYR A 238 28.45 37.73 9.73
N GLY A 239 27.90 38.86 10.22
CA GLY A 239 27.65 40.02 9.36
C GLY A 239 28.93 40.61 8.79
N GLN A 240 30.04 40.50 9.52
CA GLN A 240 31.41 40.92 9.09
C GLN A 240 31.71 40.32 7.69
N ILE A 241 31.30 39.09 7.44
CA ILE A 241 31.84 38.32 6.30
C ILE A 241 30.76 37.91 5.28
N PHE A 242 29.47 37.85 5.63
CA PHE A 242 28.49 37.23 4.71
C PHE A 242 28.27 38.14 3.49
N LYS A 243 27.93 39.40 3.72
CA LYS A 243 27.67 40.32 2.60
C LYS A 243 28.90 40.49 1.68
N PRO A 244 30.12 40.74 2.22
CA PRO A 244 31.30 40.80 1.31
C PRO A 244 31.56 39.53 0.47
N ILE A 245 31.42 38.35 1.08
N ILE A 245 31.42 38.34 1.04
CA ILE A 245 31.64 37.07 0.40
CA ILE A 245 31.70 37.13 0.25
C ILE A 245 30.60 36.92 -0.73
C ILE A 245 30.58 36.91 -0.78
N ILE A 246 29.31 37.04 -0.40
CA ILE A 246 28.24 36.83 -1.39
C ILE A 246 28.33 37.90 -2.50
N SER A 247 28.65 39.15 -2.16
CA SER A 247 28.83 40.19 -3.20
C SER A 247 29.93 39.80 -4.20
N LYS A 248 31.06 39.29 -3.72
CA LYS A 248 32.17 38.91 -4.61
C LYS A 248 31.79 37.69 -5.46
N VAL A 249 31.12 36.71 -4.86
CA VAL A 249 30.62 35.55 -5.60
C VAL A 249 29.65 36.01 -6.70
N MET A 250 28.71 36.89 -6.38
CA MET A 250 27.76 37.38 -7.41
C MET A 250 28.52 38.06 -8.55
N GLU A 251 29.54 38.88 -8.25
CA GLU A 251 30.29 39.64 -9.27
C GLU A 251 31.08 38.71 -10.20
N MET A 252 31.73 37.68 -9.63
CA MET A 252 32.62 36.81 -10.36
C MET A 252 31.85 35.69 -11.08
N TYR A 253 30.81 35.13 -10.45
CA TYR A 253 30.11 33.91 -10.99
C TYR A 253 28.90 34.29 -11.86
N GLN A 254 28.23 35.40 -11.55
CA GLN A 254 27.10 35.91 -12.36
C GLN A 254 26.02 34.82 -12.60
N PRO A 255 25.46 34.27 -11.53
CA PRO A 255 24.42 33.22 -11.65
C PRO A 255 23.11 33.82 -12.18
N SER A 256 22.24 33.00 -12.80
CA SER A 256 20.88 33.47 -13.19
C SER A 256 19.77 32.94 -12.25
N ALA A 257 20.10 32.07 -11.31
CA ALA A 257 19.16 31.62 -10.27
C ALA A 257 19.93 31.25 -9.00
N VAL A 258 19.27 31.32 -7.85
CA VAL A 258 19.88 31.10 -6.53
C VAL A 258 19.00 30.17 -5.68
N VAL A 259 19.65 29.25 -4.94
CA VAL A 259 19.00 28.41 -3.93
C VAL A 259 19.65 28.72 -2.57
N LEU A 260 18.85 29.11 -1.59
CA LEU A 260 19.34 29.46 -0.21
C LEU A 260 18.74 28.46 0.80
N GLN A 261 19.60 27.64 1.41
CA GLN A 261 19.24 26.71 2.50
C GLN A 261 19.37 27.50 3.81
N CYS A 262 18.26 27.56 4.57
CA CYS A 262 18.10 28.42 5.75
C CYS A 262 18.03 27.60 7.04
N GLY A 263 18.80 26.52 7.13
CA GLY A 263 18.80 25.69 8.35
C GLY A 263 18.95 26.52 9.63
N ALA A 264 18.06 26.28 10.60
CA ALA A 264 17.91 27.14 11.81
C ALA A 264 18.71 26.60 13.00
N ASP A 265 19.53 25.55 12.77
CA ASP A 265 20.41 25.02 13.81
C ASP A 265 21.65 25.89 14.07
N SER A 266 21.79 26.98 13.31
CA SER A 266 22.83 28.00 13.55
C SER A 266 22.37 29.10 14.54
N LEU A 267 21.14 28.99 15.08
CA LEU A 267 20.65 29.92 16.12
C LEU A 267 21.16 29.59 17.52
N SER A 268 21.39 30.67 18.29
CA SER A 268 21.56 30.60 19.74
C SER A 268 20.54 29.64 20.38
N GLY A 269 21.02 28.75 21.25
CA GLY A 269 20.14 27.89 22.05
C GLY A 269 19.71 26.61 21.35
N ASP A 270 20.23 26.29 20.16
CA ASP A 270 19.82 25.06 19.45
C ASP A 270 20.24 23.81 20.22
N ARG A 271 19.39 22.78 20.26
CA ARG A 271 19.69 21.55 21.05
C ARG A 271 20.96 20.85 20.56
N LEU A 272 21.27 20.91 19.26
CA LEU A 272 22.44 20.23 18.66
C LEU A 272 23.55 21.24 18.29
N GLY A 273 23.19 22.47 18.00
CA GLY A 273 24.17 23.48 17.49
C GLY A 273 24.95 24.15 18.61
N CYS A 274 26.00 24.88 18.22
CA CYS A 274 26.95 25.54 19.13
C CYS A 274 27.26 26.97 18.65
N PHE A 275 26.37 27.60 17.87
CA PHE A 275 26.52 29.01 17.43
C PHE A 275 25.64 29.91 18.30
N ASN A 276 25.75 31.24 18.09
CA ASN A 276 25.07 32.23 18.94
C ASN A 276 24.37 33.31 18.09
N LEU A 277 23.79 32.95 16.94
CA LEU A 277 23.02 33.93 16.11
C LEU A 277 21.61 34.16 16.68
N THR A 278 21.10 35.38 16.51
CA THR A 278 19.68 35.68 16.73
C THR A 278 18.88 35.43 15.44
N VAL A 279 17.56 35.48 15.53
CA VAL A 279 16.67 35.42 14.35
C VAL A 279 16.97 36.62 13.41
N LYS A 280 17.18 37.82 13.95
CA LYS A 280 17.55 38.98 13.10
C LYS A 280 18.87 38.75 12.36
N GLY A 281 19.88 38.22 13.04
CA GLY A 281 21.17 37.94 12.40
C GLY A 281 21.10 36.88 11.31
N HIS A 282 20.33 35.82 11.55
CA HIS A 282 20.11 34.76 10.56
C HIS A 282 19.40 35.36 9.34
N ALA A 283 18.33 36.12 9.61
CA ALA A 283 17.48 36.67 8.53
C ALA A 283 18.19 37.75 7.70
N LYS A 284 19.19 38.41 8.26
CA LYS A 284 20.01 39.35 7.46
C LYS A 284 20.57 38.67 6.21
N CYS A 285 20.88 37.37 6.31
CA CYS A 285 21.37 36.61 5.17
C CYS A 285 20.34 36.56 4.03
N VAL A 286 19.06 36.36 4.38
CA VAL A 286 17.95 36.36 3.39
C VAL A 286 17.86 37.76 2.75
N GLU A 287 17.91 38.81 3.57
N GLU A 287 17.91 38.80 3.58
CA GLU A 287 17.85 40.17 3.04
CA GLU A 287 17.88 40.20 3.11
C GLU A 287 18.99 40.45 2.04
C GLU A 287 18.98 40.44 2.06
N VAL A 288 20.22 40.04 2.37
CA VAL A 288 21.37 40.25 1.46
C VAL A 288 21.13 39.54 0.12
N VAL A 289 20.71 38.27 0.15
CA VAL A 289 20.56 37.52 -1.10
C VAL A 289 19.42 38.11 -1.95
N LYS A 290 18.32 38.50 -1.28
CA LYS A 290 17.14 39.05 -1.98
C LYS A 290 17.49 40.34 -2.75
N THR A 291 18.47 41.14 -2.28
CA THR A 291 18.78 42.43 -2.93
C THR A 291 19.38 42.25 -4.34
N PHE A 292 19.86 41.06 -4.71
CA PHE A 292 20.45 40.84 -6.04
C PHE A 292 19.36 40.65 -7.11
N ASN A 293 18.09 40.51 -6.72
CA ASN A 293 16.94 40.49 -7.68
C ASN A 293 17.05 39.34 -8.68
N LEU A 294 17.44 38.15 -8.22
CA LEU A 294 17.50 36.94 -9.04
C LEU A 294 16.39 35.98 -8.59
N PRO A 295 15.89 35.13 -9.50
CA PRO A 295 14.97 34.05 -9.08
C PRO A 295 15.57 33.27 -7.90
N LEU A 296 14.78 33.08 -6.83
CA LEU A 296 15.31 32.58 -5.52
C LEU A 296 14.39 31.49 -4.96
N LEU A 297 14.97 30.32 -4.68
CA LEU A 297 14.30 29.22 -3.95
C LEU A 297 14.85 29.18 -2.51
N MET A 298 13.98 29.42 -1.52
CA MET A 298 14.33 29.41 -0.09
CA MET A 298 14.33 29.43 -0.08
C MET A 298 13.84 28.11 0.54
N LEU A 299 14.76 27.39 1.21
CA LEU A 299 14.48 26.05 1.77
C LEU A 299 14.81 26.01 3.27
N GLY A 300 14.24 25.01 3.96
CA GLY A 300 14.52 24.74 5.37
C GLY A 300 15.82 23.97 5.60
N GLY A 301 15.83 23.08 6.57
CA GLY A 301 17.04 22.38 6.95
C GLY A 301 17.00 21.94 8.39
N GLY A 302 18.15 21.94 9.07
CA GLY A 302 18.18 21.60 10.49
C GLY A 302 17.47 22.63 11.37
N GLY A 303 17.45 22.33 12.66
CA GLY A 303 16.82 23.18 13.68
C GLY A 303 16.10 22.30 14.69
N TYR A 304 16.57 22.34 15.95
CA TYR A 304 16.28 21.31 16.98
C TYR A 304 15.68 21.91 18.27
N THR A 305 15.67 23.25 18.43
CA THR A 305 14.85 23.92 19.49
C THR A 305 13.62 24.52 18.80
N ILE A 306 12.49 23.80 18.86
CA ILE A 306 11.49 23.96 17.77
C ILE A 306 10.76 25.31 17.90
N ARG A 307 10.60 25.88 19.09
CA ARG A 307 10.02 27.23 19.22
C ARG A 307 10.85 28.25 18.41
N ASN A 308 12.17 28.11 18.40
CA ASN A 308 13.02 29.10 17.71
C ASN A 308 13.03 28.87 16.19
N VAL A 309 12.83 27.61 15.77
CA VAL A 309 12.71 27.28 14.34
C VAL A 309 11.46 27.99 13.77
N ALA A 310 10.34 27.84 14.48
CA ALA A 310 9.07 28.49 14.05
C ALA A 310 9.22 30.02 13.98
N ARG A 311 9.86 30.63 14.97
CA ARG A 311 10.15 32.11 14.95
C ARG A 311 10.99 32.48 13.71
N CYS A 312 12.06 31.72 13.47
CA CYS A 312 13.06 32.04 12.44
C CYS A 312 12.40 32.01 11.05
N TRP A 313 11.69 30.92 10.75
CA TRP A 313 11.13 30.73 9.40
C TRP A 313 9.89 31.64 9.21
N THR A 314 9.13 31.92 10.28
CA THR A 314 8.05 32.95 10.20
C THR A 314 8.66 34.33 9.82
N TYR A 315 9.69 34.76 10.56
CA TYR A 315 10.33 36.08 10.26
C TYR A 315 10.94 36.09 8.84
N GLU A 316 11.57 35.00 8.40
CA GLU A 316 12.20 34.95 7.08
C GLU A 316 11.14 34.98 5.97
N THR A 317 9.95 34.41 6.22
CA THR A 317 8.82 34.55 5.28
C THR A 317 8.41 36.03 5.17
N ALA A 318 8.30 36.71 6.31
CA ALA A 318 7.97 38.18 6.34
C ALA A 318 9.03 39.00 5.58
N VAL A 319 10.31 38.64 5.73
CA VAL A 319 11.41 39.33 5.03
C VAL A 319 11.26 39.14 3.52
N ALA A 320 10.96 37.91 3.08
CA ALA A 320 10.76 37.65 1.63
C ALA A 320 9.64 38.55 1.08
N LEU A 321 8.61 38.80 1.90
CA LEU A 321 7.44 39.60 1.51
C LEU A 321 7.65 41.10 1.73
N ASP A 322 8.76 41.53 2.32
CA ASP A 322 8.92 42.95 2.77
C ASP A 322 7.75 43.45 3.61
N CYS A 323 7.29 42.61 4.53
CA CYS A 323 6.14 42.87 5.39
C CYS A 323 6.59 42.93 6.85
N GLU A 324 6.55 44.13 7.46
CA GLU A 324 6.88 44.30 8.87
C GLU A 324 5.80 43.59 9.72
N ILE A 325 6.25 42.86 10.74
CA ILE A 325 5.35 42.16 11.69
C ILE A 325 5.78 42.53 13.12
N PRO A 326 4.80 42.62 14.04
CA PRO A 326 5.10 42.96 15.44
C PRO A 326 5.88 41.88 16.23
N ASN A 327 6.68 42.35 17.20
CA ASN A 327 7.45 41.46 18.09
C ASN A 327 6.50 40.69 19.03
N GLU A 328 5.38 41.28 19.40
CA GLU A 328 4.38 40.58 20.25
C GLU A 328 3.75 39.45 19.41
N LEU A 329 3.85 38.18 19.86
CA LEU A 329 3.32 37.06 19.08
C LEU A 329 1.79 37.06 19.12
N PRO A 330 1.16 36.78 17.97
CA PRO A 330 -0.29 36.59 17.96
C PRO A 330 -0.67 35.26 18.63
N TYR A 331 -1.89 35.18 19.17
CA TYR A 331 -2.39 33.88 19.62
C TYR A 331 -2.26 32.84 18.49
N ASN A 332 -1.99 31.57 18.84
CA ASN A 332 -1.83 30.51 17.85
C ASN A 332 -2.01 29.14 18.57
N ASP A 333 -2.06 28.06 17.79
CA ASP A 333 -2.34 26.72 18.36
C ASP A 333 -1.21 26.19 19.25
N TYR A 334 -0.03 26.81 19.19
CA TYR A 334 1.20 26.39 19.94
C TYR A 334 1.70 27.50 20.87
N PHE A 335 0.81 28.42 21.29
CA PHE A 335 1.22 29.64 22.02
C PHE A 335 2.11 29.30 23.22
N GLU A 336 1.75 28.25 23.99
CA GLU A 336 2.49 27.88 25.21
C GLU A 336 3.96 27.51 24.89
N TYR A 337 4.28 27.13 23.66
CA TYR A 337 5.68 26.75 23.34
C TYR A 337 6.61 27.97 23.38
N PHE A 338 6.04 29.20 23.31
CA PHE A 338 6.84 30.41 23.13
C PHE A 338 6.99 31.19 24.45
N GLY A 339 6.60 30.63 25.60
CA GLY A 339 6.90 31.25 26.87
C GLY A 339 8.39 31.17 27.21
N PRO A 340 8.84 31.90 28.21
CA PRO A 340 8.00 32.73 29.08
C PRO A 340 7.70 34.15 28.58
N ASP A 341 8.32 34.53 27.47
CA ASP A 341 8.29 35.90 26.89
C ASP A 341 7.17 36.16 25.86
N PHE A 342 6.79 35.15 25.05
CA PHE A 342 5.75 35.28 23.99
C PHE A 342 6.11 36.40 22.98
N LYS A 343 7.40 36.54 22.70
CA LYS A 343 7.91 37.46 21.66
C LYS A 343 8.49 36.68 20.46
N LEU A 344 8.57 37.34 19.30
CA LEU A 344 9.13 36.74 18.07
C LEU A 344 10.67 36.66 18.11
N HIS A 345 11.32 37.72 18.59
CA HIS A 345 12.78 37.81 18.51
C HIS A 345 13.42 37.19 19.75
N ILE A 346 14.69 36.78 19.62
CA ILE A 346 15.43 36.07 20.69
C ILE A 346 16.72 36.84 21.04
N SER A 347 17.19 36.57 22.25
CA SER A 347 18.45 37.15 22.77
C SER A 347 19.58 36.14 22.59
N PRO A 348 20.81 36.62 22.36
CA PRO A 348 21.98 35.74 22.35
C PRO A 348 22.33 35.31 23.78
N SER A 349 23.09 34.23 23.91
CA SER A 349 23.60 33.78 25.21
C SER A 349 24.93 34.47 25.52
N ASN A 350 25.48 34.22 26.73
CA ASN A 350 26.80 34.76 27.10
C ASN A 350 27.93 33.77 26.76
N MET A 351 27.71 32.81 25.85
CA MET A 351 28.78 31.88 25.49
C MET A 351 29.93 32.64 24.78
N THR A 352 31.15 32.15 24.98
CA THR A 352 32.33 32.73 24.36
C THR A 352 32.32 32.54 22.84
N ASN A 353 32.62 33.62 22.11
CA ASN A 353 32.83 33.54 20.67
C ASN A 353 34.31 33.17 20.42
N GLN A 354 34.55 31.95 19.92
CA GLN A 354 35.93 31.49 19.67
C GLN A 354 36.45 31.98 18.32
N ASN A 355 35.59 32.61 17.51
CA ASN A 355 35.98 33.19 16.23
C ASN A 355 36.44 34.66 16.38
N THR A 356 37.73 34.87 16.45
CA THR A 356 38.27 36.21 16.64
C THR A 356 38.02 37.03 15.37
N PRO A 357 37.96 38.37 15.51
CA PRO A 357 37.84 39.19 14.30
C PRO A 357 38.98 38.97 13.28
N GLU A 358 40.18 38.69 13.79
CA GLU A 358 41.34 38.41 12.92
C GLU A 358 41.14 37.08 12.17
N TYR A 359 40.63 36.03 12.84
CA TYR A 359 40.32 34.76 12.17
C TYR A 359 39.32 35.00 11.03
N MET A 360 38.26 35.76 11.31
CA MET A 360 37.19 35.97 10.32
C MET A 360 37.76 36.68 9.08
N GLU A 361 38.56 37.72 9.29
CA GLU A 361 39.14 38.47 8.14
C GLU A 361 40.14 37.60 7.37
N LYS A 362 40.94 36.78 8.07
CA LYS A 362 41.96 35.97 7.39
C LYS A 362 41.30 34.90 6.49
N ILE A 363 40.27 34.22 7.00
CA ILE A 363 39.56 33.20 6.18
C ILE A 363 38.91 33.90 4.97
N LYS A 364 38.26 35.03 5.20
CA LYS A 364 37.66 35.82 4.08
C LYS A 364 38.71 36.15 3.02
N GLN A 365 39.90 36.59 3.43
CA GLN A 365 40.96 37.00 2.50
C GLN A 365 41.42 35.76 1.68
N ARG A 366 41.52 34.58 2.30
CA ARG A 366 41.93 33.36 1.55
C ARG A 366 40.84 32.99 0.53
N LEU A 367 39.57 33.12 0.89
CA LEU A 367 38.46 32.81 -0.06
C LEU A 367 38.48 33.81 -1.21
N PHE A 368 38.75 35.10 -0.94
CA PHE A 368 38.86 36.12 -2.03
C PHE A 368 39.97 35.73 -3.01
N GLU A 369 41.10 35.19 -2.52
CA GLU A 369 42.20 34.74 -3.41
C GLU A 369 41.73 33.67 -4.40
N ASN A 370 40.95 32.71 -3.90
CA ASN A 370 40.43 31.64 -4.75
C ASN A 370 39.42 32.20 -5.76
N LEU A 371 38.59 33.17 -5.36
CA LEU A 371 37.60 33.73 -6.30
C LEU A 371 38.28 34.51 -7.45
N ARG A 372 39.51 34.98 -7.30
N ARG A 372 39.52 34.98 -7.29
CA ARG A 372 40.20 35.68 -8.41
CA ARG A 372 40.29 35.66 -8.36
C ARG A 372 40.57 34.70 -9.54
C ARG A 372 40.55 34.70 -9.53
N MET A 373 40.42 33.39 -9.29
CA MET A 373 40.78 32.38 -10.31
C MET A 373 39.61 32.12 -11.27
N LEU A 374 38.43 32.67 -11.01
CA LEU A 374 37.30 32.56 -11.96
C LEU A 374 37.60 33.46 -13.17
N PRO A 375 37.08 33.11 -14.38
CA PRO A 375 37.29 33.94 -15.57
C PRO A 375 36.82 35.40 -15.38
N LYS B 9 -19.34 12.74 9.61
CA LYS B 9 -19.75 12.42 8.20
C LYS B 9 -18.58 11.74 7.47
N LYS B 10 -18.92 11.04 6.39
CA LYS B 10 -17.93 10.32 5.57
C LYS B 10 -16.91 11.31 5.00
N LYS B 11 -15.64 10.88 4.95
CA LYS B 11 -14.51 11.74 4.51
C LYS B 11 -14.37 11.70 2.98
N VAL B 12 -14.11 12.88 2.38
CA VAL B 12 -13.95 13.05 0.93
C VAL B 12 -12.60 13.69 0.61
N CYS B 13 -11.85 13.04 -0.30
N CYS B 13 -11.85 13.08 -0.30
CA CYS B 13 -10.58 13.56 -0.86
CA CYS B 13 -10.69 13.76 -0.86
C CYS B 13 -10.84 13.87 -2.35
C CYS B 13 -10.85 13.87 -2.38
N TYR B 14 -10.13 14.84 -2.93
CA TYR B 14 -10.41 15.38 -4.29
C TYR B 14 -9.08 15.79 -4.93
N TYR B 15 -8.89 15.44 -6.20
CA TYR B 15 -7.60 15.63 -6.93
C TYR B 15 -7.75 16.67 -8.05
N TYR B 16 -6.81 17.60 -8.10
CA TYR B 16 -6.80 18.67 -9.14
C TYR B 16 -5.39 19.24 -9.30
N ASP B 17 -4.96 19.36 -10.57
CA ASP B 17 -3.74 20.13 -10.93
C ASP B 17 -4.12 21.41 -11.69
N GLY B 18 -3.53 22.51 -11.26
CA GLY B 18 -3.81 23.85 -11.79
C GLY B 18 -3.51 24.03 -13.28
N ASP B 19 -2.73 23.17 -13.92
CA ASP B 19 -2.52 23.24 -15.38
C ASP B 19 -3.48 22.38 -16.21
N ILE B 20 -4.37 21.59 -15.58
CA ILE B 20 -5.13 20.58 -16.34
C ILE B 20 -5.97 21.29 -17.43
N GLY B 21 -6.47 22.48 -17.15
CA GLY B 21 -7.32 23.23 -18.12
C GLY B 21 -6.54 23.87 -19.27
N ASN B 22 -5.21 23.83 -19.26
CA ASN B 22 -4.35 24.45 -20.27
C ASN B 22 -4.00 23.48 -21.41
N TYR B 23 -4.27 22.18 -21.28
CA TYR B 23 -4.01 21.20 -22.37
C TYR B 23 -5.15 21.37 -23.39
N TYR B 24 -4.82 21.44 -24.67
CA TYR B 24 -5.79 21.83 -25.75
C TYR B 24 -5.74 20.83 -26.91
N TYR B 25 -6.91 20.20 -27.18
CA TYR B 25 -7.00 19.16 -28.20
C TYR B 25 -6.99 19.75 -29.63
N GLY B 26 -7.22 21.05 -29.79
CA GLY B 26 -7.14 21.71 -31.11
C GLY B 26 -8.44 22.40 -31.51
N GLN B 27 -8.31 23.31 -32.47
CA GLN B 27 -9.46 24.11 -32.96
C GLN B 27 -10.56 23.16 -33.45
N GLY B 28 -11.76 23.35 -32.92
CA GLY B 28 -12.94 22.60 -33.37
C GLY B 28 -13.14 21.30 -32.61
N HIS B 29 -12.15 20.82 -31.87
CA HIS B 29 -12.32 19.51 -31.16
C HIS B 29 -13.27 19.67 -29.98
N PRO B 30 -14.31 18.81 -29.87
CA PRO B 30 -15.29 18.98 -28.77
C PRO B 30 -14.78 18.72 -27.34
N MET B 31 -13.67 17.97 -27.17
CA MET B 31 -13.14 17.67 -25.81
C MET B 31 -12.31 18.86 -25.30
N LYS B 32 -12.75 19.42 -24.17
CA LYS B 32 -12.21 20.70 -23.65
C LYS B 32 -11.79 20.53 -22.17
N PRO B 33 -10.50 20.22 -21.92
CA PRO B 33 -10.03 20.11 -20.52
C PRO B 33 -10.32 21.36 -19.66
N HIS B 34 -10.48 22.53 -20.27
CA HIS B 34 -10.90 23.76 -19.52
C HIS B 34 -12.17 23.54 -18.68
N ARG B 35 -13.06 22.62 -19.08
CA ARG B 35 -14.26 22.31 -18.30
C ARG B 35 -13.91 21.83 -16.85
N ILE B 36 -12.76 21.19 -16.67
N ILE B 36 -12.76 21.19 -16.67
CA ILE B 36 -12.31 20.70 -15.34
CA ILE B 36 -12.28 20.72 -15.34
C ILE B 36 -11.93 21.90 -14.47
C ILE B 36 -11.93 21.94 -14.46
N ARG B 37 -11.28 22.92 -15.06
CA ARG B 37 -10.97 24.18 -14.36
C ARG B 37 -12.25 24.96 -14.02
N MET B 38 -13.23 25.01 -14.92
CA MET B 38 -14.51 25.68 -14.63
C MET B 38 -15.19 25.01 -13.42
N THR B 39 -15.20 23.66 -13.39
CA THR B 39 -15.74 22.89 -12.27
C THR B 39 -15.06 23.30 -10.95
N HIS B 40 -13.73 23.27 -10.95
CA HIS B 40 -12.92 23.61 -9.78
C HIS B 40 -13.25 25.01 -9.26
N ASN B 41 -13.27 25.99 -10.16
CA ASN B 41 -13.47 27.36 -9.74
C ASN B 41 -14.89 27.56 -9.17
N LEU B 42 -15.88 26.89 -9.76
CA LEU B 42 -17.25 27.00 -9.26
C LEU B 42 -17.35 26.39 -7.85
N LEU B 43 -16.81 25.19 -7.65
CA LEU B 43 -16.96 24.60 -6.34
C LEU B 43 -16.15 25.37 -5.27
N LEU B 44 -15.00 26.00 -5.62
CA LEU B 44 -14.29 26.88 -4.65
C LEU B 44 -15.17 28.07 -4.24
N ASN B 45 -15.89 28.68 -5.21
CA ASN B 45 -16.69 29.84 -4.93
C ASN B 45 -17.96 29.49 -4.13
N TYR B 46 -18.38 28.22 -4.16
CA TYR B 46 -19.47 27.74 -3.28
C TYR B 46 -18.95 27.44 -1.85
N GLY B 47 -17.63 27.47 -1.64
CA GLY B 47 -17.05 27.19 -0.30
C GLY B 47 -16.80 25.72 -0.02
N LEU B 48 -16.90 24.83 -1.01
CA LEU B 48 -16.87 23.36 -0.73
C LEU B 48 -15.45 22.92 -0.33
N TYR B 49 -14.41 23.72 -0.60
CA TYR B 49 -13.02 23.41 -0.14
C TYR B 49 -12.97 23.30 1.39
N ARG B 50 -13.90 23.91 2.11
CA ARG B 50 -13.85 23.97 3.57
C ARG B 50 -14.10 22.58 4.16
N LYS B 51 -14.71 21.69 3.40
CA LYS B 51 -15.23 20.42 3.92
C LYS B 51 -14.48 19.21 3.35
N MET B 52 -13.47 19.40 2.50
CA MET B 52 -12.80 18.23 1.91
C MET B 52 -11.30 18.48 1.74
N GLU B 53 -10.55 17.38 1.66
CA GLU B 53 -9.10 17.43 1.45
C GLU B 53 -8.85 17.58 -0.04
N ILE B 54 -8.14 18.63 -0.46
CA ILE B 54 -7.79 18.82 -1.87
C ILE B 54 -6.29 18.54 -2.05
N TYR B 55 -6.01 17.59 -2.93
CA TYR B 55 -4.65 17.13 -3.25
C TYR B 55 -4.36 17.38 -4.72
N ARG B 56 -3.06 17.48 -5.01
CA ARG B 56 -2.57 17.47 -6.39
C ARG B 56 -2.21 16.04 -6.81
N PRO B 57 -2.50 15.68 -8.05
CA PRO B 57 -2.04 14.40 -8.58
C PRO B 57 -0.53 14.41 -8.83
N HIS B 58 0.11 13.25 -8.67
CA HIS B 58 1.46 13.03 -9.21
C HIS B 58 1.37 12.83 -10.72
N LYS B 59 2.50 12.96 -11.41
CA LYS B 59 2.60 12.51 -12.82
C LYS B 59 2.81 10.99 -12.84
N ALA B 60 1.75 10.26 -13.20
CA ALA B 60 1.87 8.79 -13.26
C ALA B 60 2.99 8.40 -14.25
N THR B 61 3.80 7.42 -13.86
CA THR B 61 4.96 7.03 -14.66
C THR B 61 4.62 5.93 -15.67
N ALA B 62 5.55 5.72 -16.61
CA ALA B 62 5.44 4.59 -17.55
C ALA B 62 5.28 3.25 -16.81
N GLU B 63 6.01 3.05 -15.73
CA GLU B 63 5.90 1.84 -14.88
C GLU B 63 4.45 1.63 -14.40
N GLU B 64 3.83 2.70 -13.94
CA GLU B 64 2.42 2.64 -13.49
C GLU B 64 1.49 2.29 -14.67
N MET B 65 1.68 2.93 -15.82
CA MET B 65 0.74 2.76 -16.95
C MET B 65 0.86 1.36 -17.57
N THR B 66 2.06 0.74 -17.55
CA THR B 66 2.25 -0.59 -18.17
C THR B 66 1.78 -1.72 -17.24
N LYS B 67 1.20 -1.40 -16.08
CA LYS B 67 0.45 -2.43 -15.32
C LYS B 67 -0.73 -2.92 -16.16
N TYR B 68 -1.21 -2.13 -17.14
CA TYR B 68 -2.22 -2.58 -18.10
C TYR B 68 -1.76 -2.42 -19.56
N HIS B 69 -1.33 -1.22 -19.94
CA HIS B 69 -1.02 -0.93 -21.34
C HIS B 69 0.30 -1.61 -21.80
N SER B 70 0.41 -1.89 -23.10
CA SER B 70 1.65 -2.45 -23.64
C SER B 70 2.79 -1.43 -23.58
N ASP B 71 3.99 -1.96 -23.43
CA ASP B 71 5.21 -1.17 -23.37
C ASP B 71 5.41 -0.32 -24.63
N GLU B 72 5.16 -0.90 -25.79
CA GLU B 72 5.37 -0.20 -27.07
C GLU B 72 4.39 0.97 -27.22
N TYR B 73 3.12 0.80 -26.81
CA TYR B 73 2.13 1.92 -26.92
C TYR B 73 2.54 3.07 -25.98
N ILE B 74 2.91 2.76 -24.74
CA ILE B 74 3.31 3.83 -23.80
C ILE B 74 4.59 4.53 -24.29
N LYS B 75 5.58 3.80 -24.82
CA LYS B 75 6.79 4.42 -25.38
C LYS B 75 6.42 5.42 -26.50
N PHE B 76 5.48 5.03 -27.37
CA PHE B 76 4.98 5.90 -28.45
C PHE B 76 4.36 7.17 -27.86
N LEU B 77 3.46 7.05 -26.88
CA LEU B 77 2.79 8.25 -26.31
C LEU B 77 3.84 9.19 -25.69
N ARG B 78 4.93 8.65 -25.15
CA ARG B 78 6.02 9.46 -24.53
C ARG B 78 6.90 10.14 -25.58
N SER B 79 6.79 9.73 -26.85
CA SER B 79 7.67 10.16 -27.94
C SER B 79 7.00 11.18 -28.89
N ILE B 80 5.71 11.04 -29.13
CA ILE B 80 5.00 11.74 -30.24
C ILE B 80 4.76 13.21 -29.89
N ARG B 81 5.07 14.09 -30.84
CA ARG B 81 4.89 15.54 -30.69
C ARG B 81 4.42 16.14 -32.04
N PRO B 82 3.75 17.30 -32.00
CA PRO B 82 3.40 17.95 -33.27
C PRO B 82 4.59 18.09 -34.25
N ASP B 83 5.79 18.35 -33.75
CA ASP B 83 6.93 18.59 -34.65
C ASP B 83 7.67 17.34 -35.19
N ASN B 84 7.28 16.13 -34.76
CA ASN B 84 7.90 14.89 -35.29
C ASN B 84 6.86 13.92 -35.88
N MET B 85 5.62 14.36 -36.11
CA MET B 85 4.56 13.47 -36.68
C MET B 85 4.98 12.85 -38.01
N SER B 86 5.73 13.58 -38.85
CA SER B 86 6.22 13.04 -40.12
C SER B 86 6.97 11.73 -39.90
N GLU B 87 7.86 11.70 -38.91
CA GLU B 87 8.76 10.56 -38.65
C GLU B 87 7.97 9.36 -38.10
N TYR B 88 6.77 9.59 -37.56
CA TYR B 88 6.04 8.58 -36.78
C TYR B 88 4.71 8.18 -37.47
N SER B 89 4.56 8.42 -38.77
CA SER B 89 3.24 8.23 -39.41
C SER B 89 2.76 6.77 -39.29
N LYS B 90 3.65 5.79 -39.41
CA LYS B 90 3.22 4.38 -39.31
C LYS B 90 2.80 4.01 -37.88
N GLN B 91 3.51 4.52 -36.87
CA GLN B 91 3.12 4.28 -35.48
C GLN B 91 1.80 5.00 -35.15
N MET B 92 1.59 6.21 -35.68
CA MET B 92 0.32 6.91 -35.46
C MET B 92 -0.84 6.02 -35.96
N GLN B 93 -0.66 5.39 -37.11
CA GLN B 93 -1.68 4.47 -37.66
C GLN B 93 -1.89 3.28 -36.70
N ARG B 94 -0.83 2.61 -36.28
CA ARG B 94 -0.97 1.40 -35.45
C ARG B 94 -1.67 1.71 -34.12
N PHE B 95 -1.36 2.87 -33.53
CA PHE B 95 -1.85 3.18 -32.17
C PHE B 95 -3.09 4.09 -32.18
N ASN B 96 -3.59 4.41 -33.36
CA ASN B 96 -4.86 5.13 -33.57
C ASN B 96 -4.80 6.57 -33.03
N VAL B 97 -3.69 7.24 -33.26
CA VAL B 97 -3.52 8.63 -32.85
C VAL B 97 -3.38 9.49 -34.12
N GLY B 98 -4.00 10.67 -34.11
CA GLY B 98 -3.84 11.65 -35.22
C GLY B 98 -5.14 12.19 -35.78
N GLU B 99 -6.27 11.54 -35.51
CA GLU B 99 -7.60 11.97 -36.03
C GLU B 99 -8.49 12.35 -34.83
N ASP B 100 -9.48 11.53 -34.46
CA ASP B 100 -10.36 11.80 -33.30
C ASP B 100 -9.59 11.88 -31.99
N CYS B 101 -8.43 11.21 -31.92
CA CYS B 101 -7.49 11.30 -30.78
C CYS B 101 -6.22 11.99 -31.30
N PRO B 102 -6.22 13.35 -31.35
CA PRO B 102 -5.14 14.09 -31.98
C PRO B 102 -3.81 14.12 -31.21
N VAL B 103 -2.73 14.49 -31.92
CA VAL B 103 -1.44 14.86 -31.30
C VAL B 103 -1.53 16.33 -30.86
N PHE B 104 -1.19 16.65 -29.61
CA PHE B 104 -1.14 18.04 -29.13
C PHE B 104 0.04 18.24 -28.16
N ASP B 105 0.44 19.50 -27.98
CA ASP B 105 1.56 19.85 -27.09
C ASP B 105 1.18 19.40 -25.66
N GLY B 106 2.06 18.62 -25.03
CA GLY B 106 1.81 18.19 -23.63
C GLY B 106 0.91 16.96 -23.49
N LEU B 107 0.61 16.25 -24.58
CA LEU B 107 -0.29 15.08 -24.56
C LEU B 107 0.11 14.08 -23.45
N PHE B 108 1.38 13.71 -23.37
CA PHE B 108 1.76 12.66 -22.41
C PHE B 108 1.55 13.17 -20.98
N GLU B 109 1.99 14.40 -20.72
CA GLU B 109 1.81 14.98 -19.37
C GLU B 109 0.33 15.08 -18.97
N PHE B 110 -0.56 15.45 -19.89
CA PHE B 110 -2.01 15.44 -19.64
C PHE B 110 -2.45 14.04 -19.18
N CYS B 111 -1.99 13.00 -19.90
CA CYS B 111 -2.32 11.62 -19.56
C CYS B 111 -1.77 11.27 -18.16
N GLN B 112 -0.55 11.73 -17.86
CA GLN B 112 0.10 11.45 -16.53
C GLN B 112 -0.72 12.05 -15.37
N LEU B 113 -1.24 13.28 -15.53
CA LEU B 113 -1.99 13.98 -14.46
C LEU B 113 -3.41 13.40 -14.32
N SER B 114 -4.08 13.11 -15.44
CA SER B 114 -5.39 12.43 -15.44
C SER B 114 -5.32 11.09 -14.69
N THR B 115 -4.33 10.28 -15.05
CA THR B 115 -4.13 8.95 -14.49
C THR B 115 -3.68 9.05 -13.02
N GLY B 116 -2.76 9.97 -12.73
CA GLY B 116 -2.26 10.11 -11.35
C GLY B 116 -3.36 10.34 -10.33
N GLY B 117 -4.37 11.15 -10.67
CA GLY B 117 -5.49 11.38 -9.74
C GLY B 117 -6.28 10.11 -9.43
N SER B 118 -6.52 9.28 -10.42
CA SER B 118 -7.32 8.06 -10.25
C SER B 118 -6.57 7.00 -9.41
N VAL B 119 -5.29 6.80 -9.74
N VAL B 119 -5.29 6.77 -9.71
CA VAL B 119 -4.44 5.85 -9.00
CA VAL B 119 -4.57 5.74 -8.94
C VAL B 119 -4.25 6.31 -7.55
C VAL B 119 -4.24 6.30 -7.54
N ALA B 120 -3.96 7.60 -7.37
CA ALA B 120 -3.75 8.14 -6.01
C ALA B 120 -5.02 7.96 -5.17
N GLY B 121 -6.19 8.21 -5.76
CA GLY B 121 -7.46 8.05 -5.04
C GLY B 121 -7.69 6.60 -4.61
N ALA B 122 -7.40 5.67 -5.52
CA ALA B 122 -7.51 4.23 -5.19
C ALA B 122 -6.57 3.85 -4.04
N VAL B 123 -5.34 4.38 -4.00
CA VAL B 123 -4.43 4.05 -2.90
C VAL B 123 -4.99 4.58 -1.56
N LYS B 124 -5.53 5.80 -1.58
CA LYS B 124 -6.11 6.42 -0.37
C LYS B 124 -7.27 5.57 0.17
N LEU B 125 -8.12 5.07 -0.72
CA LEU B 125 -9.22 4.14 -0.34
C LEU B 125 -8.66 2.82 0.24
N ASN B 126 -7.66 2.21 -0.42
CA ASN B 126 -7.05 0.97 0.08
C ASN B 126 -6.45 1.14 1.48
N ARG B 127 -5.86 2.31 1.76
CA ARG B 127 -5.19 2.57 3.04
C ARG B 127 -6.20 3.01 4.12
N GLN B 128 -7.49 3.10 3.75
CA GLN B 128 -8.59 3.44 4.67
C GLN B 128 -8.38 4.85 5.26
N GLN B 129 -7.82 5.74 4.44
CA GLN B 129 -7.57 7.13 4.83
C GLN B 129 -8.70 8.07 4.33
N THR B 130 -9.58 7.56 3.47
CA THR B 130 -10.76 8.32 3.02
C THR B 130 -11.90 7.31 2.76
N ASP B 131 -13.14 7.81 2.74
CA ASP B 131 -14.33 7.02 2.36
C ASP B 131 -14.71 7.17 0.88
N MET B 132 -14.47 8.38 0.33
CA MET B 132 -14.69 8.71 -1.08
C MET B 132 -13.46 9.45 -1.62
N ALA B 133 -13.12 9.19 -2.87
CA ALA B 133 -12.06 9.91 -3.60
C ALA B 133 -12.63 10.39 -4.93
N VAL B 134 -12.33 11.62 -5.35
CA VAL B 134 -12.93 12.24 -6.55
C VAL B 134 -11.80 12.70 -7.50
N ASN B 135 -11.88 12.33 -8.79
CA ASN B 135 -10.93 12.83 -9.82
C ASN B 135 -11.71 13.16 -11.10
N TRP B 136 -12.15 14.42 -11.22
CA TRP B 136 -12.95 14.82 -12.40
C TRP B 136 -12.13 14.79 -13.70
N ALA B 137 -10.78 14.80 -13.65
CA ALA B 137 -9.92 14.70 -14.84
C ALA B 137 -9.78 13.27 -15.37
N GLY B 138 -10.29 12.27 -14.62
CA GLY B 138 -10.26 10.86 -15.02
C GLY B 138 -11.56 10.38 -15.66
N GLY B 139 -11.73 9.06 -15.71
CA GLY B 139 -12.93 8.48 -16.33
C GLY B 139 -12.83 8.20 -17.82
N LEU B 140 -11.63 8.04 -18.36
CA LEU B 140 -11.40 8.00 -19.83
C LEU B 140 -11.53 6.54 -20.34
N HIS B 141 -12.82 6.12 -20.34
CA HIS B 141 -13.24 4.69 -20.41
C HIS B 141 -13.01 3.98 -21.74
N HIS B 142 -12.68 4.68 -22.85
CA HIS B 142 -12.59 4.07 -24.19
C HIS B 142 -11.16 3.58 -24.52
N ALA B 143 -10.13 4.03 -23.77
CA ALA B 143 -8.74 3.65 -24.11
C ALA B 143 -8.54 2.13 -23.99
N LYS B 144 -7.79 1.57 -24.92
CA LYS B 144 -7.54 0.12 -25.02
C LYS B 144 -6.09 -0.21 -24.65
N LYS B 145 -5.78 -1.50 -24.51
CA LYS B 145 -4.45 -1.95 -24.07
C LYS B 145 -3.33 -1.34 -24.94
N SER B 146 -3.52 -1.33 -26.26
N SER B 146 -3.50 -1.31 -26.26
CA SER B 146 -2.46 -0.88 -27.18
CA SER B 146 -2.42 -0.76 -27.10
C SER B 146 -2.98 0.14 -28.21
C SER B 146 -2.98 0.14 -28.21
N GLU B 147 -4.07 0.86 -27.93
CA GLU B 147 -4.53 1.91 -28.88
C GLU B 147 -5.40 2.96 -28.16
N ALA B 148 -5.31 4.20 -28.66
CA ALA B 148 -6.20 5.28 -28.25
C ALA B 148 -7.58 5.07 -28.89
N SER B 149 -8.62 5.58 -28.24
CA SER B 149 -9.98 5.55 -28.83
C SER B 149 -10.89 6.59 -28.16
N GLY B 150 -11.75 7.25 -28.94
CA GLY B 150 -12.84 8.02 -28.36
C GLY B 150 -12.41 9.16 -27.44
N PHE B 151 -11.31 9.83 -27.83
CA PHE B 151 -10.71 10.98 -27.14
C PHE B 151 -9.89 10.56 -25.90
N CYS B 152 -9.73 9.25 -25.68
CA CYS B 152 -9.09 8.65 -24.50
C CYS B 152 -7.77 7.96 -24.92
N TYR B 153 -6.67 8.21 -24.17
CA TYR B 153 -5.34 7.64 -24.54
C TYR B 153 -4.88 6.57 -23.52
N VAL B 154 -4.98 6.89 -22.22
CA VAL B 154 -4.58 5.98 -21.11
C VAL B 154 -5.84 5.69 -20.27
N ASN B 155 -6.10 4.40 -20.01
CA ASN B 155 -7.35 4.02 -19.30
C ASN B 155 -7.08 4.11 -17.80
N ASP B 156 -7.26 5.31 -17.24
CA ASP B 156 -7.04 5.58 -15.81
C ASP B 156 -7.98 4.73 -14.95
N ILE B 157 -9.14 4.37 -15.49
CA ILE B 157 -10.13 3.56 -14.74
C ILE B 157 -9.59 2.14 -14.53
N VAL B 158 -9.12 1.50 -15.59
CA VAL B 158 -8.57 0.13 -15.49
C VAL B 158 -7.40 0.13 -14.49
N LEU B 159 -6.53 1.14 -14.55
CA LEU B 159 -5.35 1.21 -13.66
C LEU B 159 -5.80 1.37 -12.20
N ALA B 160 -6.81 2.21 -11.98
CA ALA B 160 -7.35 2.39 -10.60
C ALA B 160 -7.98 1.09 -10.06
N ILE B 161 -8.73 0.37 -10.90
CA ILE B 161 -9.35 -0.90 -10.49
C ILE B 161 -8.25 -1.94 -10.18
N LEU B 162 -7.18 -2.02 -10.98
CA LEU B 162 -6.07 -2.95 -10.66
C LEU B 162 -5.47 -2.62 -9.28
N GLU B 163 -5.36 -1.33 -8.93
CA GLU B 163 -4.90 -0.93 -7.58
C GLU B 163 -5.89 -1.45 -6.52
N LEU B 164 -7.19 -1.17 -6.69
CA LEU B 164 -8.19 -1.67 -5.70
C LEU B 164 -8.13 -3.21 -5.56
N LEU B 165 -7.88 -3.95 -6.65
CA LEU B 165 -7.86 -5.43 -6.61
C LEU B 165 -6.70 -5.97 -5.75
N LYS B 166 -5.72 -5.15 -5.37
CA LYS B 166 -4.67 -5.60 -4.44
C LYS B 166 -5.28 -5.93 -3.07
N TYR B 167 -6.34 -5.19 -2.68
CA TYR B 167 -6.94 -5.27 -1.34
C TYR B 167 -8.38 -5.83 -1.36
N HIS B 168 -9.05 -5.85 -2.52
CA HIS B 168 -10.49 -6.15 -2.62
C HIS B 168 -10.71 -7.36 -3.55
N GLN B 169 -11.36 -8.41 -3.05
CA GLN B 169 -11.61 -9.63 -3.84
C GLN B 169 -12.55 -9.32 -5.01
N ARG B 170 -13.57 -8.49 -4.75
CA ARG B 170 -14.62 -8.13 -5.74
C ARG B 170 -14.79 -6.61 -5.80
N VAL B 171 -14.63 -6.05 -7.00
CA VAL B 171 -14.81 -4.60 -7.27
C VAL B 171 -15.95 -4.40 -8.27
N LEU B 172 -16.83 -3.45 -7.99
CA LEU B 172 -17.96 -3.09 -8.91
C LEU B 172 -17.66 -1.78 -9.65
N TYR B 173 -17.82 -1.82 -10.99
CA TYR B 173 -17.69 -0.64 -11.86
C TYR B 173 -19.06 -0.25 -12.42
N ILE B 174 -19.44 1.03 -12.29
CA ILE B 174 -20.76 1.56 -12.81
C ILE B 174 -20.46 2.76 -13.72
N ASP B 175 -21.09 2.79 -14.91
CA ASP B 175 -20.77 3.81 -15.98
C ASP B 175 -22.08 4.47 -16.47
N ILE B 176 -22.28 5.74 -16.11
CA ILE B 176 -23.52 6.50 -16.46
C ILE B 176 -23.23 7.51 -17.60
N ASP B 177 -22.02 7.50 -18.16
CA ASP B 177 -21.73 8.18 -19.44
C ASP B 177 -22.74 7.70 -20.51
N ILE B 178 -23.10 8.54 -21.49
CA ILE B 178 -24.04 8.10 -22.55
C ILE B 178 -23.44 7.01 -23.46
N HIS B 179 -22.12 6.92 -23.50
CA HIS B 179 -21.40 5.92 -24.32
C HIS B 179 -21.07 4.65 -23.48
N HIS B 180 -21.09 3.49 -24.17
CA HIS B 180 -20.71 2.21 -23.55
C HIS B 180 -19.28 2.26 -22.98
N GLY B 181 -19.08 1.78 -21.74
CA GLY B 181 -17.73 1.68 -21.15
C GLY B 181 -16.93 0.49 -21.67
N ASP B 182 -16.61 0.52 -22.96
CA ASP B 182 -16.00 -0.61 -23.67
C ASP B 182 -14.58 -0.98 -23.22
N GLY B 183 -13.74 0.01 -22.94
CA GLY B 183 -12.34 -0.31 -22.62
C GLY B 183 -12.25 -1.00 -21.27
N VAL B 184 -13.12 -0.59 -20.35
CA VAL B 184 -13.15 -1.17 -18.99
C VAL B 184 -13.73 -2.59 -19.07
N GLU B 185 -14.86 -2.74 -19.78
CA GLU B 185 -15.50 -4.06 -19.92
C GLU B 185 -14.53 -5.07 -20.56
N GLU B 186 -13.80 -4.66 -21.59
CA GLU B 186 -12.87 -5.55 -22.29
C GLU B 186 -11.74 -6.03 -21.35
N ALA B 187 -11.19 -5.11 -20.55
CA ALA B 187 -10.06 -5.44 -19.65
C ALA B 187 -10.46 -6.57 -18.69
N PHE B 188 -11.72 -6.55 -18.23
CA PHE B 188 -12.21 -7.45 -17.16
C PHE B 188 -13.25 -8.48 -17.66
N TYR B 189 -13.38 -8.69 -18.97
CA TYR B 189 -14.46 -9.49 -19.57
C TYR B 189 -14.44 -10.96 -19.10
N THR B 190 -13.26 -11.49 -18.78
CA THR B 190 -13.13 -12.92 -18.48
C THR B 190 -12.84 -13.17 -16.99
N THR B 191 -13.04 -12.18 -16.12
CA THR B 191 -12.87 -12.35 -14.66
C THR B 191 -14.16 -12.04 -13.89
N ASP B 192 -14.38 -12.81 -12.83
CA ASP B 192 -15.44 -12.56 -11.84
C ASP B 192 -15.01 -11.59 -10.74
N ARG B 193 -13.76 -11.13 -10.75
CA ARG B 193 -13.27 -10.22 -9.68
C ARG B 193 -13.63 -8.76 -9.94
N VAL B 194 -14.14 -8.45 -11.15
CA VAL B 194 -14.71 -7.13 -11.47
C VAL B 194 -16.02 -7.37 -12.23
N MET B 195 -17.11 -6.83 -11.70
CA MET B 195 -18.39 -6.73 -12.43
C MET B 195 -18.49 -5.32 -13.04
N THR B 196 -18.77 -5.24 -14.34
CA THR B 196 -18.94 -3.95 -15.04
C THR B 196 -20.42 -3.77 -15.39
N VAL B 197 -20.98 -2.60 -15.05
CA VAL B 197 -22.39 -2.26 -15.32
C VAL B 197 -22.43 -0.94 -16.10
N SER B 198 -22.88 -0.96 -17.36
CA SER B 198 -22.97 0.27 -18.20
C SER B 198 -24.42 0.50 -18.66
N PHE B 199 -24.88 1.75 -18.49
CA PHE B 199 -26.13 2.29 -19.06
C PHE B 199 -25.71 3.22 -20.21
N HIS B 200 -26.31 3.08 -21.40
CA HIS B 200 -25.76 3.82 -22.58
C HIS B 200 -26.76 3.77 -23.74
N LYS B 201 -26.63 4.75 -24.64
CA LYS B 201 -27.31 4.68 -25.92
C LYS B 201 -26.70 3.56 -26.75
N TYR B 202 -27.58 2.75 -27.35
CA TYR B 202 -27.17 1.67 -28.19
C TYR B 202 -28.02 1.71 -29.47
N GLY B 203 -27.33 1.41 -30.58
CA GLY B 203 -27.95 1.42 -31.92
C GLY B 203 -27.27 2.41 -32.86
N GLU B 204 -26.35 1.90 -33.65
CA GLU B 204 -25.59 2.72 -34.60
C GLU B 204 -25.04 3.97 -33.88
N TYR B 205 -24.30 3.74 -32.80
CA TYR B 205 -23.81 4.86 -31.97
C TYR B 205 -22.43 4.49 -31.41
N PHE B 206 -21.52 5.46 -31.29
CA PHE B 206 -20.16 5.20 -30.78
C PHE B 206 -20.23 4.54 -29.40
N PRO B 207 -19.46 3.47 -29.10
CA PRO B 207 -18.43 2.83 -29.93
C PRO B 207 -18.91 1.58 -30.69
N GLY B 208 -20.19 1.22 -30.54
CA GLY B 208 -20.83 0.13 -31.30
C GLY B 208 -21.03 -1.14 -30.49
N THR B 209 -20.59 -1.15 -29.23
CA THR B 209 -20.63 -2.33 -28.35
C THR B 209 -21.62 -2.09 -27.20
N GLY B 210 -21.81 -3.09 -26.34
CA GLY B 210 -22.72 -2.93 -25.19
C GLY B 210 -24.14 -3.44 -25.48
N ASP B 211 -24.28 -4.50 -26.28
CA ASP B 211 -25.57 -5.19 -26.45
C ASP B 211 -26.01 -5.81 -25.10
N LEU B 212 -27.33 -5.86 -24.89
CA LEU B 212 -27.98 -6.62 -23.78
C LEU B 212 -27.35 -8.02 -23.63
N ARG B 213 -26.99 -8.66 -24.74
CA ARG B 213 -26.55 -10.07 -24.75
C ARG B 213 -25.03 -10.21 -24.53
N ASP B 214 -24.33 -9.10 -24.37
CA ASP B 214 -22.91 -9.16 -24.01
CA ASP B 214 -22.92 -9.13 -24.02
C ASP B 214 -22.84 -9.26 -22.49
N ILE B 215 -22.54 -10.46 -22.00
CA ILE B 215 -22.68 -10.78 -20.55
C ILE B 215 -21.33 -11.24 -19.93
N GLY B 216 -20.23 -11.17 -20.68
CA GLY B 216 -18.92 -11.70 -20.21
C GLY B 216 -18.65 -13.10 -20.72
N ALA B 217 -17.46 -13.64 -20.41
CA ALA B 217 -17.09 -14.98 -20.88
C ALA B 217 -16.16 -15.69 -19.89
N GLY B 218 -16.13 -17.04 -19.96
CA GLY B 218 -15.27 -17.81 -19.06
C GLY B 218 -15.71 -17.64 -17.62
N LYS B 219 -14.76 -17.47 -16.70
CA LYS B 219 -15.09 -17.20 -15.29
C LYS B 219 -15.91 -15.92 -15.18
N GLY B 220 -15.79 -15.02 -16.16
CA GLY B 220 -16.52 -13.73 -16.17
C GLY B 220 -17.94 -13.81 -16.74
N LYS B 221 -18.42 -14.98 -17.16
CA LYS B 221 -19.80 -15.09 -17.66
C LYS B 221 -20.81 -14.67 -16.58
N TYR B 222 -21.66 -13.70 -16.92
CA TYR B 222 -22.70 -13.08 -16.08
C TYR B 222 -22.14 -11.90 -15.25
N TYR B 223 -20.85 -11.56 -15.42
CA TYR B 223 -20.20 -10.44 -14.66
C TYR B 223 -20.02 -9.18 -15.54
N ALA B 224 -20.63 -9.14 -16.72
CA ALA B 224 -20.81 -7.87 -17.47
C ALA B 224 -22.31 -7.66 -17.69
N VAL B 225 -22.73 -6.43 -17.42
CA VAL B 225 -24.13 -6.02 -17.45
C VAL B 225 -24.26 -4.75 -18.30
N ASN B 226 -25.15 -4.81 -19.30
CA ASN B 226 -25.33 -3.70 -20.25
C ASN B 226 -26.82 -3.38 -20.41
N PHE B 227 -27.21 -2.10 -20.21
CA PHE B 227 -28.61 -1.62 -20.32
C PHE B 227 -28.68 -0.64 -21.51
N PRO B 228 -29.05 -1.13 -22.69
CA PRO B 228 -29.20 -0.25 -23.84
C PRO B 228 -30.43 0.66 -23.76
N MET B 229 -30.25 1.96 -24.03
CA MET B 229 -31.32 2.96 -23.93
C MET B 229 -31.46 3.71 -25.26
N ARG B 230 -32.67 4.20 -25.54
CA ARG B 230 -32.94 5.01 -26.74
C ARG B 230 -32.86 6.52 -26.41
N ASP B 231 -32.91 7.32 -27.46
CA ASP B 231 -32.91 8.79 -27.34
C ASP B 231 -33.99 9.31 -26.38
N GLY B 232 -33.66 10.39 -25.64
CA GLY B 232 -34.68 11.17 -24.94
C GLY B 232 -35.01 10.68 -23.53
N ILE B 233 -34.25 9.71 -23.00
CA ILE B 233 -34.58 9.22 -21.64
C ILE B 233 -34.54 10.41 -20.65
N ASP B 234 -35.50 10.40 -19.71
CA ASP B 234 -35.70 11.49 -18.72
C ASP B 234 -35.40 11.02 -17.27
N ASP B 235 -35.42 11.95 -16.31
CA ASP B 235 -35.08 11.64 -14.91
C ASP B 235 -35.97 10.51 -14.30
N GLU B 236 -37.27 10.56 -14.56
CA GLU B 236 -38.20 9.57 -13.97
C GLU B 236 -37.88 8.18 -14.52
N SER B 237 -37.70 8.06 -15.84
CA SER B 237 -37.43 6.74 -16.48
C SER B 237 -36.08 6.17 -16.04
N TYR B 238 -35.03 6.99 -16.02
CA TYR B 238 -33.69 6.54 -15.62
C TYR B 238 -33.70 6.08 -14.16
N GLY B 239 -34.31 6.86 -13.28
CA GLY B 239 -34.29 6.57 -11.84
C GLY B 239 -35.07 5.31 -11.50
N GLN B 240 -36.16 5.04 -12.22
CA GLN B 240 -36.99 3.84 -11.98
C GLN B 240 -36.22 2.57 -12.36
N ILE B 241 -35.20 2.62 -13.21
CA ILE B 241 -34.46 1.37 -13.43
C ILE B 241 -33.10 1.38 -12.74
N PHE B 242 -32.47 2.55 -12.48
CA PHE B 242 -31.09 2.55 -11.88
C PHE B 242 -31.12 1.94 -10.46
N LYS B 243 -32.02 2.39 -9.60
CA LYS B 243 -32.01 1.92 -8.19
C LYS B 243 -32.29 0.41 -8.10
N PRO B 244 -33.34 -0.11 -8.75
CA PRO B 244 -33.52 -1.58 -8.71
C PRO B 244 -32.36 -2.41 -9.28
N ILE B 245 -31.77 -2.00 -10.40
CA ILE B 245 -30.66 -2.76 -11.00
C ILE B 245 -29.46 -2.74 -10.04
N ILE B 246 -29.07 -1.58 -9.54
CA ILE B 246 -27.88 -1.50 -8.64
C ILE B 246 -28.20 -2.23 -7.34
N SER B 247 -29.41 -2.11 -6.79
CA SER B 247 -29.76 -2.88 -5.55
C SER B 247 -29.59 -4.40 -5.77
N LYS B 248 -30.04 -4.91 -6.91
CA LYS B 248 -29.93 -6.35 -7.20
C LYS B 248 -28.45 -6.76 -7.40
N VAL B 249 -27.69 -5.94 -8.10
CA VAL B 249 -26.24 -6.15 -8.26
C VAL B 249 -25.57 -6.24 -6.88
N MET B 250 -25.88 -5.29 -6.01
CA MET B 250 -25.24 -5.27 -4.68
C MET B 250 -25.57 -6.55 -3.91
N GLU B 251 -26.84 -6.98 -3.93
CA GLU B 251 -27.32 -8.17 -3.19
C GLU B 251 -26.61 -9.43 -3.71
N MET B 252 -26.48 -9.56 -5.03
CA MET B 252 -25.98 -10.82 -5.61
C MET B 252 -24.44 -10.85 -5.64
N TYR B 253 -23.79 -9.73 -5.91
CA TYR B 253 -22.32 -9.67 -6.15
C TYR B 253 -21.55 -9.33 -4.87
N GLN B 254 -22.13 -8.54 -3.96
CA GLN B 254 -21.50 -8.21 -2.66
C GLN B 254 -20.06 -7.70 -2.85
N PRO B 255 -19.89 -6.61 -3.61
CA PRO B 255 -18.54 -6.02 -3.79
C PRO B 255 -18.05 -5.36 -2.49
N SER B 256 -16.74 -5.14 -2.35
CA SER B 256 -16.21 -4.41 -1.18
C SER B 256 -15.66 -3.02 -1.56
N ALA B 257 -15.67 -2.66 -2.84
CA ALA B 257 -15.33 -1.29 -3.31
C ALA B 257 -16.05 -1.02 -4.62
N VAL B 258 -16.29 0.26 -4.91
CA VAL B 258 -17.06 0.71 -6.10
C VAL B 258 -16.33 1.85 -6.83
N VAL B 259 -16.31 1.80 -8.16
CA VAL B 259 -15.85 2.88 -9.03
C VAL B 259 -17.05 3.35 -9.87
N LEU B 260 -17.36 4.66 -9.79
CA LEU B 260 -18.52 5.25 -10.52
C LEU B 260 -17.98 6.29 -11.49
N GLN B 261 -18.13 6.02 -12.79
CA GLN B 261 -17.80 6.95 -13.89
C GLN B 261 -19.05 7.82 -14.12
N CYS B 262 -18.86 9.14 -14.00
CA CYS B 262 -19.96 10.14 -13.95
C CYS B 262 -19.97 11.01 -15.23
N GLY B 263 -19.69 10.43 -16.40
CA GLY B 263 -19.67 11.20 -17.64
C GLY B 263 -20.95 12.00 -17.83
N ALA B 264 -20.81 13.29 -18.15
CA ALA B 264 -21.92 14.26 -18.10
C ALA B 264 -22.54 14.46 -19.49
N ASP B 265 -22.14 13.66 -20.48
CA ASP B 265 -22.76 13.68 -21.81
C ASP B 265 -24.13 13.01 -21.91
N SER B 266 -24.61 12.42 -20.79
CA SER B 266 -25.99 11.96 -20.62
C SER B 266 -26.97 13.07 -20.20
N LEU B 267 -26.52 14.33 -20.05
CA LEU B 267 -27.41 15.47 -19.70
C LEU B 267 -28.11 16.05 -20.93
N SER B 268 -29.33 16.51 -20.69
CA SER B 268 -30.06 17.29 -21.66
C SER B 268 -29.18 18.41 -22.23
N GLY B 269 -29.22 18.59 -23.55
CA GLY B 269 -28.54 19.71 -24.21
C GLY B 269 -27.08 19.45 -24.53
N ASP B 270 -26.59 18.23 -24.32
CA ASP B 270 -25.18 17.95 -24.60
C ASP B 270 -24.90 18.05 -26.11
N ARG B 271 -23.74 18.62 -26.48
CA ARG B 271 -23.42 18.83 -27.93
C ARG B 271 -23.33 17.50 -28.70
N LEU B 272 -22.91 16.41 -28.05
CA LEU B 272 -22.78 15.09 -28.72
C LEU B 272 -23.91 14.14 -28.32
N GLY B 273 -24.43 14.23 -27.11
CA GLY B 273 -25.42 13.29 -26.56
C GLY B 273 -26.84 13.58 -27.00
N CYS B 274 -27.74 12.62 -26.72
CA CYS B 274 -29.13 12.67 -27.12
C CYS B 274 -30.08 12.20 -26.00
N PHE B 275 -29.66 12.31 -24.73
CA PHE B 275 -30.53 12.00 -23.57
C PHE B 275 -31.14 13.32 -23.04
N ASN B 276 -32.06 13.21 -22.08
CA ASN B 276 -32.78 14.39 -21.53
C ASN B 276 -32.74 14.41 -19.99
N LEU B 277 -31.61 14.02 -19.38
CA LEU B 277 -31.47 14.06 -17.89
C LEU B 277 -31.17 15.48 -17.39
N THR B 278 -31.68 15.83 -16.20
CA THR B 278 -31.24 17.05 -15.50
C THR B 278 -30.02 16.73 -14.61
N VAL B 279 -29.42 17.77 -14.03
CA VAL B 279 -28.32 17.55 -13.05
C VAL B 279 -28.85 16.77 -11.84
N LYS B 280 -30.06 17.03 -11.36
CA LYS B 280 -30.65 16.25 -10.25
C LYS B 280 -30.83 14.77 -10.63
N GLY B 281 -31.25 14.47 -11.87
CA GLY B 281 -31.44 13.06 -12.28
C GLY B 281 -30.12 12.32 -12.37
N HIS B 282 -29.11 12.98 -12.90
CA HIS B 282 -27.74 12.40 -12.99
C HIS B 282 -27.23 12.15 -11.56
N ALA B 283 -27.34 13.17 -10.69
CA ALA B 283 -26.73 13.11 -9.32
C ALA B 283 -27.46 12.09 -8.44
N LYS B 284 -28.72 11.76 -8.72
CA LYS B 284 -29.44 10.72 -7.97
C LYS B 284 -28.66 9.40 -8.02
N CYS B 285 -27.93 9.14 -9.11
CA CYS B 285 -27.13 7.92 -9.24
C CYS B 285 -26.04 7.89 -8.15
N VAL B 286 -25.41 9.05 -7.90
CA VAL B 286 -24.39 9.15 -6.83
C VAL B 286 -25.03 8.89 -5.47
N GLU B 287 -26.17 9.52 -5.22
CA GLU B 287 -26.93 9.35 -3.97
C GLU B 287 -27.23 7.86 -3.72
N VAL B 288 -27.74 7.16 -4.74
CA VAL B 288 -28.07 5.72 -4.60
C VAL B 288 -26.81 4.90 -4.26
N VAL B 289 -25.71 5.11 -4.99
CA VAL B 289 -24.49 4.29 -4.77
C VAL B 289 -23.97 4.53 -3.33
N LYS B 290 -24.04 5.76 -2.83
CA LYS B 290 -23.57 6.07 -1.45
C LYS B 290 -24.36 5.30 -0.37
N THR B 291 -25.63 4.94 -0.59
CA THR B 291 -26.43 4.30 0.47
C THR B 291 -25.84 2.94 0.87
N PHE B 292 -24.98 2.34 0.03
CA PHE B 292 -24.42 1.01 0.30
C PHE B 292 -23.18 1.09 1.22
N ASN B 293 -22.68 2.29 1.54
CA ASN B 293 -21.58 2.44 2.56
C ASN B 293 -20.33 1.65 2.17
N LEU B 294 -19.95 1.68 0.89
CA LEU B 294 -18.73 1.03 0.41
C LEU B 294 -17.72 2.09 -0.06
N PRO B 295 -16.41 1.86 0.17
CA PRO B 295 -15.38 2.75 -0.39
C PRO B 295 -15.67 3.07 -1.87
N LEU B 296 -15.61 4.35 -2.25
CA LEU B 296 -16.15 4.82 -3.56
C LEU B 296 -15.18 5.80 -4.24
N LEU B 297 -14.77 5.47 -5.48
CA LEU B 297 -13.97 6.36 -6.35
C LEU B 297 -14.92 6.93 -7.42
N MET B 298 -15.05 8.25 -7.44
CA MET B 298 -15.90 8.97 -8.40
C MET B 298 -15.00 9.64 -9.46
N LEU B 299 -15.27 9.36 -10.76
CA LEU B 299 -14.45 9.83 -11.89
C LEU B 299 -15.32 10.63 -12.87
N GLY B 300 -14.64 11.44 -13.70
CA GLY B 300 -15.29 12.18 -14.79
C GLY B 300 -15.55 11.32 -16.01
N GLY B 301 -15.41 11.91 -17.20
CA GLY B 301 -15.73 11.23 -18.47
C GLY B 301 -16.11 12.23 -19.55
N GLY B 302 -17.08 11.87 -20.38
CA GLY B 302 -17.54 12.80 -21.42
C GLY B 302 -18.31 13.98 -20.85
N GLY B 303 -18.73 14.85 -21.76
CA GLY B 303 -19.48 16.08 -21.45
C GLY B 303 -18.98 17.23 -22.31
N TYR B 304 -19.84 17.75 -23.18
CA TYR B 304 -19.42 18.59 -24.34
C TYR B 304 -20.17 19.94 -24.36
N THR B 305 -21.18 20.14 -23.52
CA THR B 305 -21.74 21.51 -23.26
C THR B 305 -21.14 21.96 -21.93
N ILE B 306 -20.09 22.77 -21.98
CA ILE B 306 -19.15 22.79 -20.83
C ILE B 306 -19.79 23.51 -19.62
N ARG B 307 -20.68 24.50 -19.81
CA ARG B 307 -21.38 25.10 -18.64
C ARG B 307 -22.13 24.01 -17.83
N ASN B 308 -22.72 23.02 -18.52
CA ASN B 308 -23.53 21.99 -17.86
C ASN B 308 -22.63 20.94 -17.20
N VAL B 309 -21.44 20.68 -17.77
CA VAL B 309 -20.45 19.81 -17.12
C VAL B 309 -20.04 20.42 -15.77
N ALA B 310 -19.71 21.72 -15.75
CA ALA B 310 -19.29 22.37 -14.49
C ALA B 310 -20.41 22.30 -13.43
N ARG B 311 -21.65 22.54 -13.83
CA ARG B 311 -22.81 22.43 -12.93
C ARG B 311 -22.93 21.00 -12.35
N CYS B 312 -22.86 20.01 -13.23
CA CYS B 312 -23.08 18.60 -12.88
C CYS B 312 -22.05 18.14 -11.82
N TRP B 313 -20.77 18.35 -12.13
CA TRP B 313 -19.70 17.85 -11.25
C TRP B 313 -19.60 18.68 -9.96
N THR B 314 -19.95 19.98 -10.00
CA THR B 314 -20.05 20.78 -8.76
C THR B 314 -21.13 20.17 -7.85
N TYR B 315 -22.33 19.92 -8.38
CA TYR B 315 -23.42 19.37 -7.53
C TYR B 315 -23.05 17.96 -7.01
N GLU B 316 -22.40 17.14 -7.85
CA GLU B 316 -22.05 15.77 -7.40
C GLU B 316 -20.96 15.81 -6.34
N THR B 317 -20.10 16.83 -6.35
CA THR B 317 -19.14 17.02 -5.23
C THR B 317 -19.92 17.34 -3.93
N ALA B 318 -20.93 18.22 -4.00
CA ALA B 318 -21.79 18.54 -2.85
C ALA B 318 -22.50 17.26 -2.35
N VAL B 319 -23.02 16.43 -3.26
CA VAL B 319 -23.65 15.15 -2.87
C VAL B 319 -22.63 14.26 -2.11
N ALA B 320 -21.41 14.14 -2.62
CA ALA B 320 -20.36 13.36 -1.92
C ALA B 320 -20.17 13.88 -0.49
N LEU B 321 -20.19 15.20 -0.30
CA LEU B 321 -20.00 15.87 1.00
C LEU B 321 -21.27 15.86 1.87
N ASP B 322 -22.37 15.26 1.39
CA ASP B 322 -23.67 15.23 2.09
C ASP B 322 -24.17 16.63 2.46
N CYS B 323 -24.07 17.55 1.51
CA CYS B 323 -24.66 18.86 1.75
C CYS B 323 -25.38 19.37 0.51
N GLU B 324 -26.25 20.36 0.75
CA GLU B 324 -26.90 21.10 -0.34
C GLU B 324 -26.17 22.43 -0.56
N ILE B 325 -26.39 22.97 -1.76
CA ILE B 325 -25.86 24.28 -2.17
C ILE B 325 -26.99 25.04 -2.88
N PRO B 326 -26.97 26.37 -2.80
CA PRO B 326 -28.04 27.17 -3.45
C PRO B 326 -28.09 27.05 -4.99
N ASN B 327 -29.31 27.17 -5.54
CA ASN B 327 -29.51 27.25 -6.99
C ASN B 327 -28.87 28.54 -7.56
N GLU B 328 -28.88 29.62 -6.79
CA GLU B 328 -28.26 30.89 -7.21
C GLU B 328 -26.74 30.70 -7.32
N LEU B 329 -26.14 30.82 -8.52
CA LEU B 329 -24.70 30.59 -8.65
C LEU B 329 -23.91 31.73 -7.98
N PRO B 330 -22.83 31.41 -7.24
CA PRO B 330 -21.96 32.45 -6.71
C PRO B 330 -21.16 33.11 -7.86
N TYR B 331 -20.75 34.36 -7.66
CA TYR B 331 -19.80 34.97 -8.63
C TYR B 331 -18.58 34.06 -8.76
N ASN B 332 -17.98 33.99 -9.96
CA ASN B 332 -16.87 33.10 -10.24
C ASN B 332 -16.15 33.59 -11.51
N ASP B 333 -14.96 33.03 -11.78
CA ASP B 333 -14.11 33.51 -12.88
C ASP B 333 -14.77 33.27 -14.28
N TYR B 334 -15.82 32.44 -14.37
CA TYR B 334 -16.47 32.06 -15.64
C TYR B 334 -17.97 32.42 -15.59
N PHE B 335 -18.35 33.44 -14.79
CA PHE B 335 -19.80 33.69 -14.51
C PHE B 335 -20.63 33.86 -15.80
N GLU B 336 -20.10 34.58 -16.79
CA GLU B 336 -20.84 34.84 -18.05
C GLU B 336 -21.14 33.55 -18.84
N TYR B 337 -20.44 32.45 -18.58
CA TYR B 337 -20.69 31.21 -19.32
C TYR B 337 -22.05 30.60 -18.89
N PHE B 338 -22.63 31.06 -17.77
CA PHE B 338 -23.80 30.40 -17.18
C PHE B 338 -25.09 31.21 -17.41
N GLY B 339 -25.07 32.22 -18.27
CA GLY B 339 -26.30 32.87 -18.71
C GLY B 339 -27.18 31.94 -19.54
N PRO B 340 -28.44 32.30 -19.74
CA PRO B 340 -29.07 33.58 -19.32
C PRO B 340 -29.60 33.65 -17.89
N ASP B 341 -29.64 32.48 -17.22
CA ASP B 341 -30.31 32.33 -15.91
C ASP B 341 -29.38 32.38 -14.68
N PHE B 342 -28.11 32.00 -14.85
CA PHE B 342 -27.10 31.99 -13.74
C PHE B 342 -27.58 31.09 -12.59
N LYS B 343 -28.24 29.97 -12.91
CA LYS B 343 -28.66 28.94 -11.90
C LYS B 343 -27.80 27.69 -12.04
N LEU B 344 -27.71 26.90 -10.96
CA LEU B 344 -26.98 25.62 -10.95
C LEU B 344 -27.75 24.52 -11.73
N HIS B 345 -29.05 24.44 -11.48
CA HIS B 345 -29.92 23.35 -12.02
C HIS B 345 -30.44 23.70 -13.43
N ILE B 346 -30.70 22.66 -14.23
CA ILE B 346 -31.13 22.79 -15.64
C ILE B 346 -32.51 22.15 -15.82
N SER B 347 -33.25 22.66 -16.81
CA SER B 347 -34.56 22.12 -17.18
C SER B 347 -34.41 21.13 -18.33
N PRO B 348 -35.28 20.10 -18.36
CA PRO B 348 -35.30 19.20 -19.52
C PRO B 348 -35.84 19.92 -20.76
N SER B 349 -35.55 19.38 -21.94
CA SER B 349 -36.14 19.86 -23.22
C SER B 349 -37.47 19.16 -23.51
N ASN B 350 -38.11 19.57 -24.62
CA ASN B 350 -39.35 18.96 -25.12
C ASN B 350 -39.08 17.76 -26.02
N MET B 351 -37.85 17.23 -26.07
CA MET B 351 -37.59 16.07 -26.97
C MET B 351 -38.41 14.84 -26.53
N THR B 352 -38.83 14.06 -27.52
CA THR B 352 -39.56 12.80 -27.26
C THR B 352 -38.66 11.80 -26.52
N ASN B 353 -39.22 11.17 -25.48
CA ASN B 353 -38.61 10.00 -24.82
C ASN B 353 -39.02 8.74 -25.58
N GLN B 354 -38.07 8.15 -26.30
CA GLN B 354 -38.34 6.95 -27.12
C GLN B 354 -38.32 5.67 -26.27
N ASN B 355 -37.96 5.74 -25.00
CA ASN B 355 -38.00 4.60 -24.07
C ASN B 355 -39.37 4.47 -23.40
N THR B 356 -40.18 3.56 -23.91
CA THR B 356 -41.53 3.37 -23.35
C THR B 356 -41.43 2.71 -21.97
N PRO B 357 -42.46 2.88 -21.13
CA PRO B 357 -42.43 2.16 -19.84
C PRO B 357 -42.27 0.64 -19.98
N GLU B 358 -42.89 0.06 -21.01
CA GLU B 358 -42.85 -1.37 -21.22
C GLU B 358 -41.44 -1.80 -21.66
N TYR B 359 -40.80 -1.02 -22.50
CA TYR B 359 -39.39 -1.27 -22.93
C TYR B 359 -38.50 -1.33 -21.68
N MET B 360 -38.61 -0.30 -20.83
N MET B 360 -38.61 -0.32 -20.84
CA MET B 360 -37.70 -0.19 -19.67
CA MET B 360 -37.73 -0.22 -19.66
C MET B 360 -37.90 -1.41 -18.75
C MET B 360 -37.90 -1.43 -18.74
N GLU B 361 -39.15 -1.81 -18.48
CA GLU B 361 -39.42 -2.93 -17.57
C GLU B 361 -38.99 -4.27 -18.20
N LYS B 362 -39.20 -4.45 -19.50
CA LYS B 362 -38.81 -5.72 -20.14
C LYS B 362 -37.28 -5.90 -20.11
N ILE B 363 -36.54 -4.85 -20.41
CA ILE B 363 -35.05 -4.94 -20.39
C ILE B 363 -34.62 -5.24 -18.94
N LYS B 364 -35.23 -4.55 -17.96
CA LYS B 364 -34.86 -4.76 -16.55
C LYS B 364 -35.10 -6.23 -16.17
N GLN B 365 -36.21 -6.80 -16.63
CA GLN B 365 -36.54 -8.18 -16.27
C GLN B 365 -35.52 -9.17 -16.89
N ARG B 366 -35.06 -8.90 -18.12
CA ARG B 366 -34.04 -9.76 -18.76
C ARG B 366 -32.72 -9.65 -17.96
N LEU B 367 -32.33 -8.45 -17.53
CA LEU B 367 -31.08 -8.32 -16.70
C LEU B 367 -31.25 -9.03 -15.35
N PHE B 368 -32.44 -8.97 -14.74
CA PHE B 368 -32.66 -9.69 -13.45
C PHE B 368 -32.47 -11.20 -13.62
N GLU B 369 -32.91 -11.77 -14.75
CA GLU B 369 -32.72 -13.20 -14.99
C GLU B 369 -31.23 -13.55 -15.05
N ASN B 370 -30.42 -12.66 -15.63
CA ASN B 370 -28.97 -12.88 -15.70
C ASN B 370 -28.36 -12.81 -14.29
N LEU B 371 -28.79 -11.86 -13.47
CA LEU B 371 -28.18 -11.66 -12.14
C LEU B 371 -28.54 -12.83 -11.23
N ARG B 372 -29.69 -13.47 -11.46
CA ARG B 372 -30.11 -14.62 -10.64
C ARG B 372 -29.18 -15.83 -10.89
N MET B 373 -28.36 -15.81 -11.95
CA MET B 373 -27.41 -16.90 -12.26
C MET B 373 -26.10 -16.79 -11.44
N LEU B 374 -25.87 -15.70 -10.70
CA LEU B 374 -24.68 -15.61 -9.81
C LEU B 374 -24.83 -16.60 -8.65
N PRO B 375 -23.71 -17.08 -8.08
CA PRO B 375 -23.74 -18.14 -7.08
C PRO B 375 -24.29 -17.65 -5.73
N LYS C 9 -16.02 -49.86 -3.54
CA LYS C 9 -15.48 -48.57 -3.02
C LYS C 9 -14.15 -48.82 -2.31
N LYS C 10 -13.61 -47.79 -1.67
CA LYS C 10 -12.30 -47.85 -1.05
C LYS C 10 -12.43 -48.36 0.39
N LYS C 11 -11.47 -49.17 0.83
CA LYS C 11 -11.47 -49.76 2.18
C LYS C 11 -10.83 -48.77 3.16
N VAL C 12 -11.47 -48.63 4.33
CA VAL C 12 -11.03 -47.74 5.41
C VAL C 12 -10.84 -48.56 6.69
N CYS C 13 -9.67 -48.44 7.32
CA CYS C 13 -9.37 -48.98 8.65
C CYS C 13 -9.13 -47.83 9.64
N TYR C 14 -9.66 -47.93 10.85
CA TYR C 14 -9.77 -46.83 11.84
C TYR C 14 -9.23 -47.34 13.19
N TYR C 15 -8.33 -46.56 13.81
CA TYR C 15 -7.58 -46.98 15.03
C TYR C 15 -8.07 -46.16 16.23
N TYR C 16 -8.46 -46.85 17.31
CA TYR C 16 -8.98 -46.19 18.53
C TYR C 16 -8.80 -47.11 19.75
N ASP C 17 -8.25 -46.55 20.84
CA ASP C 17 -8.21 -47.25 22.13
C ASP C 17 -9.13 -46.53 23.11
N GLY C 18 -10.03 -47.29 23.72
CA GLY C 18 -11.08 -46.77 24.60
C GLY C 18 -10.53 -46.04 25.83
N ASP C 19 -9.25 -46.22 26.18
CA ASP C 19 -8.62 -45.50 27.30
C ASP C 19 -8.10 -44.09 26.96
N ILE C 20 -7.97 -43.78 25.66
CA ILE C 20 -7.27 -42.54 25.24
C ILE C 20 -7.94 -41.31 25.88
N GLY C 21 -9.25 -41.31 26.04
CA GLY C 21 -9.97 -40.13 26.58
C GLY C 21 -9.79 -39.92 28.08
N ASN C 22 -9.13 -40.84 28.77
CA ASN C 22 -8.98 -40.77 30.23
C ASN C 22 -7.69 -40.05 30.63
N TYR C 23 -6.79 -39.76 29.67
CA TYR C 23 -5.54 -39.04 29.97
C TYR C 23 -5.82 -37.53 30.09
N TYR C 24 -5.18 -36.91 31.08
CA TYR C 24 -5.52 -35.55 31.48
C TYR C 24 -4.25 -34.69 31.64
N TYR C 25 -4.12 -33.64 30.82
CA TYR C 25 -2.92 -32.73 30.86
C TYR C 25 -2.94 -31.83 32.11
N GLY C 26 -4.09 -31.66 32.76
CA GLY C 26 -4.18 -30.91 34.01
C GLY C 26 -5.17 -29.77 33.93
N GLN C 27 -5.55 -29.22 35.09
CA GLN C 27 -6.58 -28.17 35.17
C GLN C 27 -6.13 -26.94 34.37
N GLY C 28 -6.98 -26.53 33.42
CA GLY C 28 -6.74 -25.29 32.68
C GLY C 28 -5.93 -25.50 31.41
N HIS C 29 -5.34 -26.69 31.20
CA HIS C 29 -4.57 -26.93 29.98
C HIS C 29 -5.53 -27.13 28.79
N PRO C 30 -5.27 -26.43 27.67
CA PRO C 30 -6.20 -26.54 26.52
C PRO C 30 -6.25 -27.88 25.77
N MET C 31 -5.21 -28.71 25.86
CA MET C 31 -5.21 -30.00 25.14
C MET C 31 -6.06 -31.01 25.94
N LYS C 32 -7.13 -31.51 25.31
CA LYS C 32 -8.12 -32.38 26.00
C LYS C 32 -8.31 -33.69 25.23
N PRO C 33 -7.56 -34.76 25.59
CA PRO C 33 -7.74 -36.07 24.93
C PRO C 33 -9.19 -36.57 24.88
N HIS C 34 -10.03 -36.18 25.84
CA HIS C 34 -11.48 -36.47 25.80
C HIS C 34 -12.12 -36.14 24.44
N ARG C 35 -11.61 -35.15 23.70
CA ARG C 35 -12.19 -34.80 22.39
C ARG C 35 -12.16 -35.99 21.42
N ILE C 36 -11.21 -36.94 21.60
CA ILE C 36 -11.11 -38.11 20.70
C ILE C 36 -12.26 -39.08 21.02
N ARG C 37 -12.63 -39.20 22.29
CA ARG C 37 -13.78 -40.05 22.70
C ARG C 37 -15.11 -39.44 22.21
N MET C 38 -15.23 -38.13 22.25
CA MET C 38 -16.42 -37.41 21.74
C MET C 38 -16.58 -37.67 20.24
N THR C 39 -15.46 -37.55 19.50
CA THR C 39 -15.43 -37.85 18.06
C THR C 39 -15.93 -39.27 17.81
N HIS C 40 -15.34 -40.24 18.53
CA HIS C 40 -15.67 -41.67 18.36
C HIS C 40 -17.16 -41.93 18.58
N ASN C 41 -17.70 -41.40 19.67
CA ASN C 41 -19.10 -41.63 20.03
C ASN C 41 -20.02 -41.00 18.97
N LEU C 42 -19.66 -39.83 18.46
CA LEU C 42 -20.54 -39.17 17.47
C LEU C 42 -20.56 -40.01 16.19
N LEU C 43 -19.41 -40.44 15.69
CA LEU C 43 -19.40 -41.18 14.43
C LEU C 43 -20.02 -42.58 14.61
N LEU C 44 -19.97 -43.19 15.79
CA LEU C 44 -20.70 -44.46 16.03
C LEU C 44 -22.22 -44.26 15.89
N ASN C 45 -22.71 -43.14 16.42
CA ASN C 45 -24.16 -42.85 16.45
C ASN C 45 -24.66 -42.43 15.06
N TYR C 46 -23.77 -42.00 14.16
CA TYR C 46 -24.12 -41.76 12.75
C TYR C 46 -24.11 -43.09 11.96
N GLY C 47 -23.66 -44.18 12.58
CA GLY C 47 -23.66 -45.50 11.97
C GLY C 47 -22.43 -45.78 11.11
N LEU C 48 -21.36 -44.99 11.25
CA LEU C 48 -20.21 -45.10 10.31
C LEU C 48 -19.37 -46.36 10.63
N TYR C 49 -19.54 -46.96 11.80
CA TYR C 49 -18.94 -48.27 12.16
C TYR C 49 -19.41 -49.38 11.21
N ARG C 50 -20.53 -49.19 10.53
CA ARG C 50 -21.07 -50.20 9.62
C ARG C 50 -20.21 -50.32 8.36
N LYS C 51 -19.38 -49.29 8.08
CA LYS C 51 -18.77 -49.12 6.77
C LYS C 51 -17.23 -49.23 6.83
N MET C 52 -16.64 -49.40 8.02
CA MET C 52 -15.16 -49.46 8.14
C MET C 52 -14.76 -50.50 9.20
N GLU C 53 -13.50 -50.95 9.13
CA GLU C 53 -12.94 -51.90 10.11
C GLU C 53 -12.34 -51.09 11.27
N ILE C 54 -12.72 -51.43 12.50
CA ILE C 54 -12.21 -50.70 13.68
C ILE C 54 -11.23 -51.61 14.44
N TYR C 55 -10.05 -51.07 14.73
CA TYR C 55 -8.97 -51.80 15.45
C TYR C 55 -8.53 -51.03 16.71
N ARG C 56 -8.25 -51.78 17.76
CA ARG C 56 -7.55 -51.28 18.93
C ARG C 56 -6.05 -51.42 18.69
N PRO C 57 -5.28 -50.31 18.65
CA PRO C 57 -3.87 -50.46 18.30
C PRO C 57 -3.02 -50.99 19.45
N HIS C 58 -1.98 -51.75 19.12
CA HIS C 58 -0.96 -52.13 20.11
C HIS C 58 -0.19 -50.89 20.53
N LYS C 59 0.23 -50.84 21.80
CA LYS C 59 1.12 -49.79 22.31
C LYS C 59 2.47 -49.85 21.60
N ALA C 60 2.94 -48.70 21.10
CA ALA C 60 4.28 -48.57 20.53
C ALA C 60 5.33 -48.77 21.63
N THR C 61 6.40 -49.53 21.37
CA THR C 61 7.43 -49.77 22.38
C THR C 61 8.41 -48.59 22.46
N ALA C 62 9.09 -48.53 23.62
CA ALA C 62 10.19 -47.55 23.79
C ALA C 62 11.24 -47.76 22.69
N GLU C 63 11.53 -49.01 22.35
CA GLU C 63 12.54 -49.31 21.29
C GLU C 63 12.09 -48.71 19.96
N GLU C 64 10.84 -48.93 19.56
CA GLU C 64 10.26 -48.32 18.34
C GLU C 64 10.50 -46.80 18.35
N MET C 65 10.23 -46.13 19.46
CA MET C 65 10.34 -44.67 19.52
C MET C 65 11.79 -44.22 19.25
N THR C 66 12.77 -45.00 19.67
CA THR C 66 14.23 -44.65 19.49
C THR C 66 14.69 -44.89 18.03
N LYS C 67 13.82 -45.35 17.12
CA LYS C 67 14.14 -45.25 15.68
C LYS C 67 14.33 -43.79 15.25
N TYR C 68 13.74 -42.82 15.97
CA TYR C 68 13.92 -41.38 15.67
C TYR C 68 14.43 -40.64 16.91
N HIS C 69 13.74 -40.78 18.06
CA HIS C 69 14.05 -39.97 19.26
C HIS C 69 15.30 -40.53 19.95
N SER C 70 16.02 -39.66 20.67
CA SER C 70 17.22 -40.09 21.40
C SER C 70 16.87 -41.01 22.59
N ASP C 71 17.77 -41.92 22.93
CA ASP C 71 17.57 -42.81 24.08
C ASP C 71 17.40 -42.03 25.39
N GLU C 72 18.19 -40.98 25.62
CA GLU C 72 18.09 -40.23 26.89
C GLU C 72 16.70 -39.55 27.01
N TYR C 73 16.16 -39.03 25.90
CA TYR C 73 14.84 -38.39 25.93
C TYR C 73 13.75 -39.43 26.21
N ILE C 74 13.78 -40.58 25.53
CA ILE C 74 12.75 -41.60 25.75
C ILE C 74 12.86 -42.18 27.17
N LYS C 75 14.08 -42.42 27.66
CA LYS C 75 14.25 -42.88 29.06
C LYS C 75 13.63 -41.88 30.05
N PHE C 76 13.83 -40.59 29.79
CA PHE C 76 13.25 -39.52 30.65
C PHE C 76 11.72 -39.61 30.61
N LEU C 77 11.11 -39.72 29.41
CA LEU C 77 9.64 -39.76 29.30
C LEU C 77 9.07 -40.97 30.05
N ARG C 78 9.81 -42.09 30.05
CA ARG C 78 9.37 -43.32 30.73
C ARG C 78 9.50 -43.21 32.26
N SER C 79 10.38 -42.32 32.75
CA SER C 79 10.80 -42.28 34.16
C SER C 79 10.13 -41.14 34.95
N ILE C 80 9.82 -40.02 34.29
CA ILE C 80 9.34 -38.80 35.00
C ILE C 80 7.92 -39.04 35.54
N ARG C 81 7.65 -38.57 36.76
CA ARG C 81 6.33 -38.66 37.40
C ARG C 81 6.03 -37.34 38.12
N PRO C 82 4.74 -36.98 38.29
CA PRO C 82 4.42 -35.78 39.07
C PRO C 82 5.13 -35.67 40.43
N ASP C 83 5.37 -36.80 41.10
CA ASP C 83 5.98 -36.77 42.42
C ASP C 83 7.49 -36.97 42.48
N ASN C 84 8.21 -37.01 41.34
CA ASN C 84 9.68 -37.11 41.38
C ASN C 84 10.33 -35.94 40.62
N MET C 85 9.59 -34.91 40.24
CA MET C 85 10.09 -33.83 39.36
C MET C 85 11.33 -33.14 39.97
N SER C 86 11.47 -33.07 41.29
CA SER C 86 12.61 -32.34 41.89
C SER C 86 13.94 -33.05 41.62
N GLU C 87 13.93 -34.36 41.36
CA GLU C 87 15.14 -35.11 41.02
C GLU C 87 15.57 -34.86 39.56
N TYR C 88 14.69 -34.30 38.72
CA TYR C 88 14.90 -34.27 37.26
C TYR C 88 14.94 -32.84 36.72
N SER C 89 15.27 -31.84 37.54
CA SER C 89 15.12 -30.43 37.13
C SER C 89 15.98 -30.10 35.89
N LYS C 90 17.20 -30.65 35.83
CA LYS C 90 18.11 -30.38 34.70
C LYS C 90 17.61 -31.06 33.41
N GLN C 91 17.13 -32.31 33.50
CA GLN C 91 16.57 -33.01 32.33
C GLN C 91 15.29 -32.29 31.85
N MET C 92 14.47 -31.78 32.77
CA MET C 92 13.25 -31.06 32.40
C MET C 92 13.61 -29.81 31.56
N GLN C 93 14.71 -29.15 31.92
CA GLN C 93 15.18 -27.99 31.12
C GLN C 93 15.69 -28.47 29.76
N ARG C 94 16.52 -29.51 29.75
CA ARG C 94 17.10 -30.03 28.50
C ARG C 94 16.01 -30.46 27.50
N PHE C 95 14.96 -31.11 28.01
CA PHE C 95 13.95 -31.75 27.14
C PHE C 95 12.65 -30.91 27.03
N ASN C 96 12.61 -29.72 27.63
CA ASN C 96 11.46 -28.77 27.53
C ASN C 96 10.14 -29.37 28.06
N VAL C 97 10.22 -30.08 29.19
CA VAL C 97 9.05 -30.72 29.83
C VAL C 97 8.84 -30.13 31.23
N GLY C 98 7.60 -29.71 31.53
CA GLY C 98 7.25 -29.22 32.87
C GLY C 98 6.45 -27.93 32.86
N GLU C 99 6.32 -27.27 31.71
CA GLU C 99 5.56 -26.00 31.59
C GLU C 99 4.43 -26.19 30.56
N ASP C 100 4.59 -25.67 29.34
CA ASP C 100 3.60 -25.88 28.27
C ASP C 100 3.34 -27.32 27.90
N CYS C 101 4.37 -28.16 28.09
CA CYS C 101 4.29 -29.61 27.93
C CYS C 101 4.43 -30.25 29.32
N PRO C 102 3.32 -30.36 30.07
CA PRO C 102 3.37 -30.78 31.47
C PRO C 102 3.72 -32.26 31.71
N VAL C 103 4.14 -32.55 32.93
CA VAL C 103 4.19 -33.93 33.44
C VAL C 103 2.80 -34.29 33.97
N PHE C 104 2.23 -35.41 33.50
CA PHE C 104 0.93 -35.89 34.04
C PHE C 104 0.96 -37.42 34.18
N ASP C 105 0.06 -37.95 35.02
CA ASP C 105 -0.06 -39.40 35.26
C ASP C 105 -0.34 -40.16 33.95
N GLY C 106 0.48 -41.18 33.64
CA GLY C 106 0.30 -41.96 32.40
C GLY C 106 0.78 -41.28 31.13
N LEU C 107 1.60 -40.22 31.25
CA LEU C 107 2.20 -39.54 30.06
C LEU C 107 2.79 -40.56 29.07
N PHE C 108 3.58 -41.53 29.55
CA PHE C 108 4.28 -42.43 28.60
C PHE C 108 3.25 -43.32 27.87
N GLU C 109 2.29 -43.87 28.60
CA GLU C 109 1.24 -44.73 27.99
C GLU C 109 0.42 -43.94 26.94
N PHE C 110 0.13 -42.67 27.21
CA PHE C 110 -0.55 -41.78 26.25
C PHE C 110 0.24 -41.71 24.94
N CYS C 111 1.56 -41.49 25.07
CA CYS C 111 2.48 -41.46 23.91
C CYS C 111 2.46 -42.80 23.15
N GLN C 112 2.44 -43.91 23.90
CA GLN C 112 2.44 -45.26 23.30
C GLN C 112 1.16 -45.52 22.48
N LEU C 113 0.00 -45.02 22.93
CA LEU C 113 -1.28 -45.28 22.23
C LEU C 113 -1.43 -44.35 21.01
N SER C 114 -1.10 -43.07 21.17
CA SER C 114 -1.05 -42.12 20.06
C SER C 114 -0.14 -42.64 18.93
N THR C 115 1.08 -43.07 19.29
CA THR C 115 2.07 -43.51 18.32
C THR C 115 1.68 -44.86 17.71
N GLY C 116 1.17 -45.77 18.55
CA GLY C 116 0.78 -47.12 18.10
C GLY C 116 -0.25 -47.10 16.95
N GLY C 117 -1.22 -46.19 17.03
CA GLY C 117 -2.23 -46.07 15.98
C GLY C 117 -1.65 -45.61 14.64
N SER C 118 -0.70 -44.69 14.66
CA SER C 118 -0.12 -44.16 13.42
C SER C 118 0.75 -45.21 12.74
N VAL C 119 1.58 -45.91 13.51
CA VAL C 119 2.46 -46.94 12.96
C VAL C 119 1.63 -48.13 12.47
N ALA C 120 0.60 -48.55 13.21
CA ALA C 120 -0.27 -49.67 12.78
C ALA C 120 -0.95 -49.34 11.43
N GLY C 121 -1.40 -48.11 11.27
CA GLY C 121 -1.99 -47.65 9.99
C GLY C 121 -1.00 -47.75 8.83
N ALA C 122 0.25 -47.31 9.06
CA ALA C 122 1.32 -47.41 8.07
C ALA C 122 1.59 -48.88 7.67
N VAL C 123 1.62 -49.78 8.64
CA VAL C 123 1.86 -51.21 8.38
C VAL C 123 0.71 -51.75 7.49
N LYS C 124 -0.52 -51.37 7.82
CA LYS C 124 -1.69 -51.86 7.09
C LYS C 124 -1.67 -51.39 5.62
N LEU C 125 -1.22 -50.14 5.40
CA LEU C 125 -1.07 -49.60 4.04
C LEU C 125 0.07 -50.33 3.31
N ASN C 126 1.21 -50.52 4.00
CA ASN C 126 2.36 -51.23 3.39
C ASN C 126 1.94 -52.64 2.91
N ARG C 127 1.09 -53.32 3.66
CA ARG C 127 0.69 -54.71 3.32
C ARG C 127 -0.43 -54.71 2.27
N GLN C 128 -0.87 -53.54 1.81
CA GLN C 128 -1.93 -53.39 0.81
C GLN C 128 -3.20 -54.09 1.29
N GLN C 129 -3.51 -53.91 2.58
CA GLN C 129 -4.70 -54.50 3.18
C GLN C 129 -5.76 -53.41 3.42
N THR C 130 -5.46 -52.17 3.07
CA THR C 130 -6.43 -51.07 3.17
C THR C 130 -6.05 -49.98 2.16
N ASP C 131 -7.01 -49.11 1.83
CA ASP C 131 -6.76 -47.96 0.95
C ASP C 131 -6.51 -46.71 1.76
N MET C 132 -7.21 -46.60 2.89
CA MET C 132 -7.09 -45.46 3.80
C MET C 132 -6.97 -46.02 5.24
N ALA C 133 -6.15 -45.35 6.06
CA ALA C 133 -6.05 -45.64 7.51
C ALA C 133 -6.22 -44.33 8.29
N VAL C 134 -6.93 -44.39 9.44
CA VAL C 134 -7.32 -43.19 10.21
C VAL C 134 -6.89 -43.34 11.68
N ASN C 135 -6.16 -42.35 12.22
CA ASN C 135 -5.79 -42.30 13.67
C ASN C 135 -5.96 -40.87 14.24
N TRP C 136 -7.16 -40.54 14.75
CA TRP C 136 -7.43 -39.19 15.22
C TRP C 136 -6.61 -38.84 16.48
N ALA C 137 -6.08 -39.84 17.21
CA ALA C 137 -5.22 -39.61 18.39
C ALA C 137 -3.77 -39.27 17.99
N GLY C 138 -3.41 -39.36 16.71
CA GLY C 138 -2.07 -38.97 16.26
C GLY C 138 -2.01 -37.56 15.68
N GLY C 139 -0.93 -37.32 14.93
CA GLY C 139 -0.70 -36.01 14.29
C GLY C 139 0.08 -35.02 15.14
N LEU C 140 0.91 -35.50 16.08
CA LEU C 140 1.55 -34.61 17.06
C LEU C 140 2.89 -34.07 16.52
N HIS C 141 2.73 -33.10 15.61
CA HIS C 141 3.74 -32.69 14.60
C HIS C 141 4.90 -31.85 15.17
N HIS C 142 4.81 -31.34 16.40
CA HIS C 142 5.84 -30.41 16.96
C HIS C 142 6.96 -31.16 17.71
N ALA C 143 6.78 -32.46 18.06
CA ALA C 143 7.83 -33.16 18.85
C ALA C 143 9.13 -33.28 18.04
N LYS C 144 10.28 -33.08 18.70
CA LYS C 144 11.62 -33.11 18.06
C LYS C 144 12.43 -34.32 18.58
N LYS C 145 13.62 -34.53 18.02
CA LYS C 145 14.44 -35.72 18.36
C LYS C 145 14.65 -35.84 19.88
N SER C 146 14.97 -34.72 20.55
N SER C 146 14.97 -34.72 20.55
CA SER C 146 15.28 -34.73 21.99
CA SER C 146 15.25 -34.73 21.99
C SER C 146 14.57 -33.56 22.71
C SER C 146 14.57 -33.56 22.71
N GLU C 147 13.34 -33.22 22.32
CA GLU C 147 12.61 -32.05 22.91
C GLU C 147 11.09 -32.25 22.76
N ALA C 148 10.32 -32.08 23.84
CA ALA C 148 8.87 -31.86 23.74
C ALA C 148 8.60 -30.42 23.30
N SER C 149 7.49 -30.25 22.57
CA SER C 149 7.15 -28.93 22.04
C SER C 149 5.65 -28.88 21.68
N GLY C 150 5.00 -27.76 22.04
CA GLY C 150 3.63 -27.48 21.58
C GLY C 150 2.63 -28.58 21.91
N PHE C 151 2.72 -29.10 23.14
CA PHE C 151 1.82 -30.15 23.70
C PHE C 151 2.13 -31.55 23.12
N CYS C 152 3.23 -31.69 22.33
CA CYS C 152 3.58 -32.94 21.63
C CYS C 152 4.87 -33.50 22.22
N TYR C 153 4.94 -34.81 22.53
CA TYR C 153 6.13 -35.42 23.19
C TYR C 153 6.85 -36.41 22.25
N VAL C 154 6.10 -37.31 21.58
CA VAL C 154 6.63 -38.29 20.64
C VAL C 154 6.03 -38.02 19.26
N ASN C 155 6.88 -37.96 18.23
CA ASN C 155 6.44 -37.57 16.89
C ASN C 155 5.95 -38.84 16.16
N ASP C 156 4.67 -39.15 16.38
CA ASP C 156 4.01 -40.31 15.75
C ASP C 156 4.07 -40.24 14.21
N ILE C 157 4.07 -39.03 13.66
CA ILE C 157 4.03 -38.84 12.23
C ILE C 157 5.37 -39.30 11.60
N VAL C 158 6.48 -38.83 12.18
CA VAL C 158 7.81 -39.20 11.69
C VAL C 158 7.98 -40.73 11.77
N LEU C 159 7.58 -41.35 12.87
CA LEU C 159 7.73 -42.81 13.03
C LEU C 159 6.85 -43.56 12.00
N ALA C 160 5.64 -43.07 11.73
CA ALA C 160 4.78 -43.67 10.70
C ALA C 160 5.40 -43.53 9.30
N ILE C 161 6.01 -42.37 9.00
CA ILE C 161 6.61 -42.17 7.68
C ILE C 161 7.86 -43.06 7.52
N LEU C 162 8.69 -43.23 8.57
CA LEU C 162 9.82 -44.18 8.49
C LEU C 162 9.33 -45.59 8.15
N GLU C 163 8.19 -46.03 8.70
CA GLU C 163 7.63 -47.32 8.33
C GLU C 163 7.17 -47.33 6.86
N LEU C 164 6.45 -46.30 6.39
CA LEU C 164 6.02 -46.23 4.96
C LEU C 164 7.24 -46.27 4.00
N LEU C 165 8.37 -45.65 4.37
CA LEU C 165 9.56 -45.61 3.48
C LEU C 165 10.18 -47.01 3.26
N LYS C 166 9.80 -48.03 4.04
CA LYS C 166 10.27 -49.40 3.76
C LYS C 166 9.69 -49.91 2.42
N TYR C 167 8.48 -49.46 2.07
CA TYR C 167 7.74 -49.96 0.90
C TYR C 167 7.52 -48.88 -0.17
N HIS C 168 7.81 -47.60 0.12
CA HIS C 168 7.46 -46.48 -0.78
C HIS C 168 8.70 -45.60 -1.02
N GLN C 169 9.05 -45.39 -2.28
CA GLN C 169 10.24 -44.60 -2.60
C GLN C 169 10.02 -43.13 -2.21
N ARG C 170 8.81 -42.58 -2.45
CA ARG C 170 8.51 -41.16 -2.20
C ARG C 170 7.20 -41.04 -1.40
N VAL C 171 7.24 -40.33 -0.27
CA VAL C 171 6.07 -40.07 0.59
C VAL C 171 5.80 -38.56 0.66
N LEU C 172 4.53 -38.16 0.45
CA LEU C 172 4.10 -36.75 0.57
C LEU C 172 3.39 -36.52 1.91
N TYR C 173 3.85 -35.52 2.69
CA TYR C 173 3.21 -35.09 3.96
C TYR C 173 2.54 -33.72 3.76
N ILE C 174 1.25 -33.60 4.14
CA ILE C 174 0.47 -32.35 4.00
C ILE C 174 -0.09 -31.99 5.39
N ASP C 175 0.05 -30.73 5.80
CA ASP C 175 -0.28 -30.27 7.17
C ASP C 175 -1.24 -29.06 7.16
N ILE C 176 -2.52 -29.27 7.51
CA ILE C 176 -3.54 -28.19 7.45
C ILE C 176 -3.89 -27.68 8.87
N ASP C 177 -3.21 -28.19 9.89
CA ASP C 177 -3.15 -27.54 11.22
C ASP C 177 -2.78 -26.05 11.10
N ILE C 178 -3.28 -25.20 12.00
CA ILE C 178 -2.97 -23.75 11.93
C ILE C 178 -1.48 -23.48 12.22
N HIS C 179 -0.78 -24.41 12.92
CA HIS C 179 0.64 -24.22 13.28
C HIS C 179 1.55 -24.91 12.25
N HIS C 180 2.75 -24.37 12.05
CA HIS C 180 3.76 -24.97 11.17
C HIS C 180 4.13 -26.39 11.62
N GLY C 181 4.15 -27.33 10.66
CA GLY C 181 4.60 -28.71 10.92
C GLY C 181 6.11 -28.82 11.06
N ASP C 182 6.67 -28.14 12.06
CA ASP C 182 8.14 -28.03 12.21
C ASP C 182 8.88 -29.32 12.50
N GLY C 183 8.30 -30.17 13.35
CA GLY C 183 9.03 -31.39 13.76
C GLY C 183 9.17 -32.39 12.61
N VAL C 184 8.15 -32.48 11.76
CA VAL C 184 8.16 -33.36 10.60
C VAL C 184 9.09 -32.79 9.52
N GLU C 185 8.97 -31.48 9.26
CA GLU C 185 9.87 -30.81 8.31
C GLU C 185 11.34 -31.03 8.70
N GLU C 186 11.67 -30.89 9.99
CA GLU C 186 13.04 -30.99 10.44
C GLU C 186 13.56 -32.42 10.21
N ALA C 187 12.74 -33.42 10.50
CA ALA C 187 13.17 -34.82 10.35
C ALA C 187 13.63 -35.09 8.91
N PHE C 188 12.91 -34.54 7.94
CA PHE C 188 13.08 -34.89 6.53
C PHE C 188 13.67 -33.73 5.71
N TYR C 189 14.26 -32.73 6.39
CA TYR C 189 14.73 -31.46 5.74
C TYR C 189 15.76 -31.71 4.62
N THR C 190 16.59 -32.75 4.74
CA THR C 190 17.70 -32.97 3.78
C THR C 190 17.44 -34.21 2.89
N THR C 191 16.21 -34.73 2.84
CA THR C 191 15.92 -35.87 1.92
C THR C 191 14.86 -35.49 0.88
N ASP C 192 15.04 -36.04 -0.32
CA ASP C 192 14.05 -35.99 -1.39
C ASP C 192 13.03 -37.15 -1.32
N ARG C 193 13.15 -38.04 -0.35
CA ARG C 193 12.23 -39.20 -0.26
C ARG C 193 10.98 -38.85 0.55
N VAL C 194 10.97 -37.69 1.23
CA VAL C 194 9.75 -37.13 1.84
C VAL C 194 9.67 -35.65 1.47
N MET C 195 8.55 -35.23 0.85
CA MET C 195 8.25 -33.81 0.64
C MET C 195 7.23 -33.39 1.70
N THR C 196 7.49 -32.26 2.37
CA THR C 196 6.61 -31.74 3.41
C THR C 196 5.97 -30.43 2.91
N VAL C 197 4.64 -30.30 3.09
CA VAL C 197 3.89 -29.12 2.63
C VAL C 197 3.03 -28.64 3.82
N SER C 198 3.32 -27.45 4.35
CA SER C 198 2.56 -26.89 5.50
C SER C 198 1.91 -25.55 5.12
N PHE C 199 0.63 -25.42 5.48
CA PHE C 199 -0.16 -24.16 5.45
C PHE C 199 -0.35 -23.73 6.91
N HIS C 200 -0.07 -22.47 7.26
CA HIS C 200 -0.06 -22.09 8.70
C HIS C 200 -0.05 -20.58 8.88
N LYS C 201 -0.58 -20.14 10.03
CA LYS C 201 -0.39 -18.77 10.50
C LYS C 201 1.11 -18.53 10.77
N TYR C 202 1.61 -17.38 10.28
CA TYR C 202 3.03 -16.99 10.44
C TYR C 202 3.12 -15.52 10.87
N GLY C 203 3.93 -15.26 11.90
CA GLY C 203 4.17 -13.89 12.40
C GLY C 203 3.66 -13.71 13.82
N GLU C 204 4.58 -13.55 14.77
CA GLU C 204 4.22 -13.42 16.20
C GLU C 204 3.28 -14.56 16.61
N TYR C 205 3.66 -15.79 16.29
CA TYR C 205 2.80 -16.95 16.49
C TYR C 205 3.67 -18.22 16.60
N PHE C 206 3.27 -19.14 17.47
CA PHE C 206 3.98 -20.42 17.70
C PHE C 206 4.01 -21.25 16.40
N PRO C 207 5.12 -21.93 16.04
CA PRO C 207 6.40 -21.98 16.77
C PRO C 207 7.47 -20.98 16.28
N GLY C 208 7.15 -20.17 15.27
CA GLY C 208 8.07 -19.10 14.83
C GLY C 208 8.82 -19.45 13.54
N THR C 209 8.56 -20.61 12.98
CA THR C 209 9.25 -21.15 11.80
C THR C 209 8.24 -21.32 10.65
N GLY C 210 8.73 -21.76 9.47
CA GLY C 210 7.86 -21.94 8.31
C GLY C 210 7.72 -20.69 7.44
N ASP C 211 8.82 -19.96 7.32
CA ASP C 211 8.96 -18.83 6.39
C ASP C 211 8.87 -19.30 4.95
N LEU C 212 8.45 -18.42 4.07
CA LEU C 212 8.42 -18.65 2.61
C LEU C 212 9.78 -19.18 2.12
N ARG C 213 10.89 -18.68 2.69
CA ARG C 213 12.25 -19.01 2.21
C ARG C 213 12.77 -20.32 2.78
N ASP C 214 12.03 -20.98 3.68
CA ASP C 214 12.41 -22.31 4.19
C ASP C 214 12.00 -23.39 3.16
N ILE C 215 12.97 -23.92 2.39
CA ILE C 215 12.71 -24.76 1.21
C ILE C 215 13.43 -26.12 1.33
N GLY C 216 14.15 -26.38 2.42
CA GLY C 216 14.98 -27.62 2.52
C GLY C 216 16.45 -27.40 2.15
N ALA C 217 17.26 -28.45 2.31
CA ALA C 217 18.70 -28.37 2.05
C ALA C 217 19.24 -29.71 1.53
N GLY C 218 20.42 -29.64 0.92
CA GLY C 218 21.06 -30.82 0.34
C GLY C 218 20.18 -31.43 -0.72
N LYS C 219 20.08 -32.77 -0.73
CA LYS C 219 19.20 -33.47 -1.70
C LYS C 219 17.74 -33.08 -1.48
N GLY C 220 17.38 -32.58 -0.29
CA GLY C 220 16.04 -32.11 0.03
C GLY C 220 15.75 -30.66 -0.34
N LYS C 221 16.67 -29.96 -0.99
CA LYS C 221 16.38 -28.57 -1.42
C LYS C 221 15.24 -28.59 -2.44
N TYR C 222 14.22 -27.78 -2.13
CA TYR C 222 12.94 -27.60 -2.88
C TYR C 222 11.93 -28.71 -2.51
N TYR C 223 12.25 -29.60 -1.54
CA TYR C 223 11.28 -30.64 -1.09
C TYR C 223 10.64 -30.26 0.26
N ALA C 224 10.83 -29.02 0.75
CA ALA C 224 10.00 -28.46 1.84
C ALA C 224 9.27 -27.25 1.26
N VAL C 225 7.95 -27.19 1.52
CA VAL C 225 7.07 -26.12 0.99
C VAL C 225 6.30 -25.51 2.15
N ASN C 226 6.31 -24.18 2.25
CA ASN C 226 5.66 -23.44 3.35
C ASN C 226 4.79 -22.30 2.79
N PHE C 227 3.51 -22.28 3.16
CA PHE C 227 2.60 -21.17 2.80
C PHE C 227 2.24 -20.42 4.09
N PRO C 228 2.96 -19.35 4.42
CA PRO C 228 2.66 -18.50 5.59
C PRO C 228 1.41 -17.60 5.38
N MET C 229 0.54 -17.56 6.38
CA MET C 229 -0.76 -16.83 6.29
C MET C 229 -0.92 -15.84 7.47
N ARG C 230 -1.75 -14.83 7.27
CA ARG C 230 -2.15 -13.90 8.33
C ARG C 230 -3.51 -14.32 8.91
N ASP C 231 -4.01 -13.58 9.90
CA ASP C 231 -5.30 -13.89 10.54
C ASP C 231 -6.47 -13.92 9.53
N GLY C 232 -7.44 -14.79 9.77
CA GLY C 232 -8.80 -14.58 9.27
C GLY C 232 -9.06 -15.22 7.91
N ILE C 233 -8.19 -16.12 7.44
CA ILE C 233 -8.42 -16.75 6.14
C ILE C 233 -9.77 -17.51 6.18
N ASP C 234 -10.52 -17.43 5.07
CA ASP C 234 -11.87 -18.04 4.97
C ASP C 234 -11.88 -19.22 3.98
N ASP C 235 -13.01 -19.91 3.87
CA ASP C 235 -13.13 -21.12 3.02
C ASP C 235 -12.77 -20.84 1.53
N GLU C 236 -13.28 -19.72 1.00
CA GLU C 236 -13.05 -19.31 -0.41
C GLU C 236 -11.55 -19.11 -0.69
N SER C 237 -10.89 -18.34 0.17
CA SER C 237 -9.47 -17.97 -0.01
C SER C 237 -8.57 -19.20 0.16
N TYR C 238 -8.89 -20.05 1.14
CA TYR C 238 -8.04 -21.22 1.44
C TYR C 238 -8.17 -22.23 0.30
N GLY C 239 -9.38 -22.49 -0.16
CA GLY C 239 -9.62 -23.49 -1.21
C GLY C 239 -8.96 -23.11 -2.54
N GLN C 240 -8.94 -21.82 -2.85
CA GLN C 240 -8.42 -21.39 -4.15
C GLN C 240 -6.89 -21.50 -4.19
N ILE C 241 -6.22 -21.64 -3.05
CA ILE C 241 -4.77 -21.89 -3.11
C ILE C 241 -4.45 -23.37 -2.77
N PHE C 242 -5.22 -24.05 -1.92
CA PHE C 242 -4.91 -25.44 -1.59
C PHE C 242 -4.96 -26.31 -2.85
N LYS C 243 -6.03 -26.25 -3.64
CA LYS C 243 -6.19 -27.20 -4.77
C LYS C 243 -5.10 -27.01 -5.84
N PRO C 244 -4.84 -25.77 -6.29
CA PRO C 244 -3.72 -25.57 -7.25
C PRO C 244 -2.33 -25.99 -6.74
N ILE C 245 -2.01 -25.69 -5.48
CA ILE C 245 -0.66 -26.01 -4.94
C ILE C 245 -0.51 -27.54 -4.87
N ILE C 246 -1.49 -28.23 -4.29
CA ILE C 246 -1.41 -29.70 -4.13
C ILE C 246 -1.41 -30.38 -5.51
N SER C 247 -2.22 -29.90 -6.46
CA SER C 247 -2.21 -30.47 -7.82
C SER C 247 -0.82 -30.35 -8.45
N LYS C 248 -0.15 -29.19 -8.29
CA LYS C 248 1.20 -29.03 -8.88
C LYS C 248 2.20 -29.94 -8.15
N VAL C 249 2.08 -30.04 -6.83
CA VAL C 249 2.97 -30.93 -6.03
C VAL C 249 2.82 -32.38 -6.52
N MET C 250 1.58 -32.84 -6.72
CA MET C 250 1.34 -34.22 -7.17
C MET C 250 1.97 -34.45 -8.56
N GLU C 251 1.80 -33.48 -9.47
CA GLU C 251 2.36 -33.54 -10.83
C GLU C 251 3.89 -33.68 -10.80
N MET C 252 4.55 -32.85 -9.99
CA MET C 252 6.02 -32.76 -10.03
C MET C 252 6.64 -33.86 -9.17
N TYR C 253 6.05 -34.20 -8.03
CA TYR C 253 6.73 -35.13 -7.07
C TYR C 253 6.32 -36.60 -7.25
N GLN C 254 5.12 -36.87 -7.76
CA GLN C 254 4.62 -38.24 -8.04
C GLN C 254 4.86 -39.19 -6.87
N PRO C 255 4.27 -38.90 -5.71
CA PRO C 255 4.42 -39.76 -4.52
C PRO C 255 3.68 -41.10 -4.67
N SER C 256 4.08 -42.14 -3.93
CA SER C 256 3.30 -43.38 -3.96
C SER C 256 2.50 -43.57 -2.67
N ALA C 257 2.65 -42.69 -1.68
CA ALA C 257 1.81 -42.67 -0.45
C ALA C 257 1.70 -41.25 0.10
N VAL C 258 0.60 -40.96 0.82
CA VAL C 258 0.32 -39.62 1.35
C VAL C 258 -0.06 -39.74 2.83
N VAL C 259 0.45 -38.80 3.63
CA VAL C 259 0.07 -38.60 5.04
C VAL C 259 -0.53 -37.20 5.18
N LEU C 260 -1.79 -37.11 5.63
CA LEU C 260 -2.52 -35.83 5.78
C LEU C 260 -2.82 -35.59 7.28
N GLN C 261 -2.17 -34.56 7.84
CA GLN C 261 -2.42 -34.10 9.22
C GLN C 261 -3.61 -33.12 9.16
N CYS C 262 -4.69 -33.44 9.90
CA CYS C 262 -5.98 -32.75 9.77
C CYS C 262 -6.27 -31.90 11.02
N GLY C 263 -5.24 -31.28 11.62
CA GLY C 263 -5.43 -30.45 12.82
C GLY C 263 -6.59 -29.48 12.67
N ALA C 264 -7.52 -29.50 13.64
CA ALA C 264 -8.80 -28.77 13.57
C ALA C 264 -8.72 -27.37 14.23
N ASP C 265 -7.53 -26.94 14.65
CA ASP C 265 -7.33 -25.59 15.20
C ASP C 265 -7.33 -24.47 14.12
N SER C 266 -7.42 -24.87 12.84
CA SER C 266 -7.65 -23.95 11.72
C SER C 266 -9.14 -23.61 11.53
N LEU C 267 -10.06 -24.15 12.35
CA LEU C 267 -11.50 -23.84 12.24
C LEU C 267 -11.83 -22.50 12.90
N SER C 268 -12.81 -21.80 12.33
CA SER C 268 -13.45 -20.64 12.96
C SER C 268 -13.81 -20.94 14.43
N GLY C 269 -13.49 -20.00 15.32
CA GLY C 269 -13.86 -20.08 16.74
C GLY C 269 -12.97 -20.98 17.58
N ASP C 270 -11.80 -21.40 17.07
CA ASP C 270 -10.89 -22.17 17.91
C ASP C 270 -10.34 -21.32 19.06
N ARG C 271 -10.23 -21.92 20.24
CA ARG C 271 -9.79 -21.23 21.46
C ARG C 271 -8.36 -20.68 21.28
N LEU C 272 -7.50 -21.34 20.50
CA LEU C 272 -6.08 -20.90 20.32
C LEU C 272 -5.85 -20.32 18.92
N GLY C 273 -6.65 -20.70 17.93
CA GLY C 273 -6.41 -20.30 16.52
C GLY C 273 -7.04 -18.95 16.16
N CYS C 274 -6.72 -18.48 14.96
CA CYS C 274 -7.14 -17.18 14.45
C CYS C 274 -7.55 -17.27 12.96
N PHE C 275 -7.94 -18.45 12.47
CA PHE C 275 -8.48 -18.64 11.11
C PHE C 275 -10.03 -18.65 11.13
N ASN C 276 -10.65 -18.65 9.95
CA ASN C 276 -12.12 -18.58 9.82
C ASN C 276 -12.67 -19.67 8.87
N LEU C 277 -12.15 -20.90 8.91
CA LEU C 277 -12.68 -22.01 8.08
C LEU C 277 -13.90 -22.66 8.74
N THR C 278 -14.84 -23.14 7.92
CA THR C 278 -15.93 -24.04 8.39
C THR C 278 -15.48 -25.50 8.30
N VAL C 279 -16.30 -26.41 8.83
CA VAL C 279 -16.05 -27.85 8.72
C VAL C 279 -16.05 -28.28 7.23
N LYS C 280 -16.96 -27.70 6.41
CA LYS C 280 -16.98 -28.02 4.97
C LYS C 280 -15.67 -27.55 4.30
N GLY C 281 -15.19 -26.36 4.67
CA GLY C 281 -13.98 -25.81 4.07
C GLY C 281 -12.73 -26.61 4.43
N HIS C 282 -12.68 -27.08 5.67
CA HIS C 282 -11.56 -27.91 6.15
C HIS C 282 -11.60 -29.26 5.41
N ALA C 283 -12.79 -29.88 5.34
CA ALA C 283 -12.96 -31.22 4.77
C ALA C 283 -12.74 -31.23 3.25
N LYS C 284 -12.88 -30.08 2.56
CA LYS C 284 -12.58 -30.00 1.12
C LYS C 284 -11.13 -30.44 0.86
N CYS C 285 -10.24 -30.20 1.83
CA CYS C 285 -8.85 -30.62 1.71
C CYS C 285 -8.75 -32.16 1.62
N VAL C 286 -9.54 -32.87 2.41
CA VAL C 286 -9.58 -34.34 2.35
C VAL C 286 -10.10 -34.80 0.99
N GLU C 287 -11.17 -34.17 0.51
CA GLU C 287 -11.78 -34.53 -0.80
C GLU C 287 -10.74 -34.38 -1.93
N VAL C 288 -10.01 -33.26 -1.91
CA VAL C 288 -9.00 -32.98 -2.96
C VAL C 288 -7.92 -34.07 -2.93
N VAL C 289 -7.41 -34.42 -1.75
CA VAL C 289 -6.30 -35.38 -1.67
C VAL C 289 -6.80 -36.76 -2.13
N LYS C 290 -8.05 -37.11 -1.82
CA LYS C 290 -8.62 -38.40 -2.24
C LYS C 290 -8.68 -38.56 -3.77
N THR C 291 -8.85 -37.48 -4.54
CA THR C 291 -9.00 -37.59 -5.99
C THR C 291 -7.74 -38.20 -6.65
N PHE C 292 -6.61 -38.25 -5.96
CA PHE C 292 -5.34 -38.74 -6.57
C PHE C 292 -5.22 -40.27 -6.40
N ASN C 293 -6.12 -40.88 -5.64
CA ASN C 293 -6.25 -42.35 -5.57
C ASN C 293 -4.94 -43.00 -5.08
N LEU C 294 -4.28 -42.38 -4.11
CA LEU C 294 -3.05 -42.91 -3.51
C LEU C 294 -3.32 -43.41 -2.09
N PRO C 295 -2.59 -44.44 -1.65
CA PRO C 295 -2.64 -44.90 -0.25
C PRO C 295 -2.52 -43.70 0.72
N LEU C 296 -3.41 -43.60 1.71
CA LEU C 296 -3.58 -42.36 2.47
C LEU C 296 -3.72 -42.64 3.97
N LEU C 297 -2.82 -42.05 4.78
CA LEU C 297 -2.89 -42.06 6.26
C LEU C 297 -3.42 -40.70 6.73
N MET C 298 -4.58 -40.71 7.38
CA MET C 298 -5.24 -39.51 7.91
C MET C 298 -5.06 -39.45 9.43
N LEU C 299 -4.50 -38.33 9.92
CA LEU C 299 -4.12 -38.16 11.33
C LEU C 299 -4.79 -36.90 11.94
N GLY C 300 -4.90 -36.88 13.27
CA GLY C 300 -5.41 -35.69 14.01
C GLY C 300 -4.39 -34.56 14.15
N GLY C 301 -4.42 -33.89 15.30
CA GLY C 301 -3.56 -32.73 15.55
C GLY C 301 -4.15 -31.80 16.59
N GLY C 302 -3.94 -30.51 16.41
CA GLY C 302 -4.53 -29.53 17.29
C GLY C 302 -6.06 -29.48 17.15
N GLY C 303 -6.65 -28.61 17.94
CA GLY C 303 -8.11 -28.42 18.01
C GLY C 303 -8.54 -28.24 19.45
N TYR C 304 -9.02 -27.04 19.82
CA TYR C 304 -9.16 -26.61 21.24
C TYR C 304 -10.59 -26.13 21.58
N THR C 305 -11.49 -26.01 20.59
CA THR C 305 -12.96 -25.90 20.86
C THR C 305 -13.55 -27.29 20.59
N ILE C 306 -13.76 -28.09 21.64
CA ILE C 306 -13.80 -29.55 21.41
C ILE C 306 -15.10 -29.99 20.72
N ARG C 307 -16.22 -29.28 20.88
CA ARG C 307 -17.43 -29.63 20.12
C ARG C 307 -17.16 -29.54 18.60
N ASN C 308 -16.34 -28.57 18.17
CA ASN C 308 -16.08 -28.38 16.73
C ASN C 308 -15.04 -29.40 16.22
N VAL C 309 -14.11 -29.81 17.09
CA VAL C 309 -13.19 -30.91 16.79
C VAL C 309 -14.00 -32.19 16.48
N ALA C 310 -14.97 -32.53 17.33
CA ALA C 310 -15.80 -33.72 17.15
C ALA C 310 -16.57 -33.64 15.82
N ARG C 311 -17.17 -32.47 15.54
CA ARG C 311 -17.86 -32.26 14.26
C ARG C 311 -16.92 -32.51 13.07
N CYS C 312 -15.74 -31.89 13.12
CA CYS C 312 -14.80 -31.86 11.99
C CYS C 312 -14.33 -33.28 11.63
N TRP C 313 -13.86 -34.02 12.63
CA TRP C 313 -13.26 -35.35 12.37
C TRP C 313 -14.35 -36.39 12.09
N THR C 314 -15.57 -36.21 12.61
CA THR C 314 -16.71 -37.06 12.20
C THR C 314 -16.99 -36.87 10.70
N TYR C 315 -17.11 -35.61 10.26
CA TYR C 315 -17.44 -35.34 8.86
C TYR C 315 -16.28 -35.84 7.97
N GLU C 316 -15.02 -35.69 8.40
CA GLU C 316 -13.88 -36.11 7.57
C GLU C 316 -13.81 -37.65 7.48
N THR C 317 -14.28 -38.38 8.50
CA THR C 317 -14.41 -39.85 8.42
C THR C 317 -15.49 -40.21 7.37
N ALA C 318 -16.59 -39.47 7.35
CA ALA C 318 -17.66 -39.71 6.37
C ALA C 318 -17.15 -39.43 4.94
N VAL C 319 -16.32 -38.40 4.78
CA VAL C 319 -15.71 -38.08 3.47
C VAL C 319 -14.81 -39.26 3.04
N ALA C 320 -13.98 -39.76 3.94
CA ALA C 320 -13.14 -40.93 3.63
C ALA C 320 -13.99 -42.09 3.12
N LEU C 321 -15.18 -42.29 3.71
CA LEU C 321 -16.07 -43.42 3.40
C LEU C 321 -16.99 -43.13 2.20
N ASP C 322 -16.95 -41.93 1.63
CA ASP C 322 -17.85 -41.51 0.55
C ASP C 322 -19.32 -41.68 0.99
N CYS C 323 -19.61 -41.28 2.23
CA CYS C 323 -20.95 -41.46 2.84
C CYS C 323 -21.50 -40.09 3.28
N GLU C 324 -22.58 -39.65 2.65
CA GLU C 324 -23.29 -38.43 3.06
C GLU C 324 -23.97 -38.66 4.41
N ILE C 325 -23.86 -37.69 5.32
CA ILE C 325 -24.55 -37.82 6.63
C ILE C 325 -25.39 -36.56 6.88
N PRO C 326 -26.54 -36.73 7.56
CA PRO C 326 -27.44 -35.61 7.88
C PRO C 326 -26.78 -34.50 8.71
N ASN C 327 -27.22 -33.27 8.47
CA ASN C 327 -26.80 -32.10 9.26
C ASN C 327 -27.39 -32.18 10.68
N GLU C 328 -28.50 -32.89 10.84
CA GLU C 328 -29.09 -33.07 12.18
C GLU C 328 -28.25 -34.11 12.94
N LEU C 329 -27.66 -33.72 14.06
CA LEU C 329 -26.86 -34.65 14.87
C LEU C 329 -27.76 -35.77 15.41
N PRO C 330 -27.26 -37.02 15.41
CA PRO C 330 -27.97 -38.14 16.05
C PRO C 330 -27.83 -38.04 17.58
N TYR C 331 -28.68 -38.74 18.32
CA TYR C 331 -28.47 -38.78 19.75
C TYR C 331 -27.10 -39.39 20.04
N ASN C 332 -26.46 -38.92 21.11
CA ASN C 332 -25.12 -39.41 21.49
C ASN C 332 -24.85 -39.07 22.95
N ASP C 333 -23.77 -39.63 23.52
CA ASP C 333 -23.45 -39.47 24.95
C ASP C 333 -23.07 -38.03 25.34
N TYR C 334 -22.77 -37.16 24.37
CA TYR C 334 -22.33 -35.76 24.62
C TYR C 334 -23.29 -34.77 23.95
N PHE C 335 -24.56 -35.16 23.80
CA PHE C 335 -25.49 -34.42 22.94
C PHE C 335 -25.53 -32.93 23.35
N GLU C 336 -25.57 -32.67 24.66
CA GLU C 336 -25.74 -31.32 25.21
C GLU C 336 -24.57 -30.39 24.81
N TYR C 337 -23.41 -30.95 24.50
CA TYR C 337 -22.23 -30.15 24.17
C TYR C 337 -22.43 -29.39 22.85
N PHE C 338 -23.46 -29.74 22.08
CA PHE C 338 -23.60 -29.26 20.71
C PHE C 338 -24.74 -28.25 20.59
N GLY C 339 -25.31 -27.77 21.70
CA GLY C 339 -26.46 -26.85 21.65
C GLY C 339 -26.05 -25.41 21.37
N PRO C 340 -27.01 -24.52 21.10
CA PRO C 340 -28.43 -24.86 21.02
C PRO C 340 -28.92 -25.22 19.60
N ASP C 341 -28.02 -25.27 18.62
CA ASP C 341 -28.38 -25.63 17.24
C ASP C 341 -28.49 -27.16 17.02
N PHE C 342 -27.56 -27.90 17.62
CA PHE C 342 -27.47 -29.38 17.52
C PHE C 342 -27.29 -29.82 16.06
N LYS C 343 -26.55 -29.02 15.28
CA LYS C 343 -26.23 -29.31 13.88
C LYS C 343 -24.76 -29.74 13.74
N LEU C 344 -24.42 -30.41 12.65
CA LEU C 344 -23.05 -30.89 12.38
C LEU C 344 -22.19 -29.75 11.82
N HIS C 345 -22.74 -28.92 10.94
CA HIS C 345 -21.95 -27.90 10.25
C HIS C 345 -21.96 -26.60 11.07
N ILE C 346 -21.01 -25.71 10.80
CA ILE C 346 -20.80 -24.47 11.58
C ILE C 346 -20.75 -23.27 10.62
N SER C 347 -21.06 -22.09 11.16
CA SER C 347 -21.02 -20.82 10.43
C SER C 347 -19.69 -20.10 10.70
N PRO C 348 -19.15 -19.36 9.71
CA PRO C 348 -17.97 -18.53 9.95
C PRO C 348 -18.34 -17.28 10.77
N SER C 349 -17.33 -16.62 11.36
CA SER C 349 -17.51 -15.35 12.06
C SER C 349 -17.38 -14.20 11.05
N ASN C 350 -17.59 -12.97 11.52
CA ASN C 350 -17.39 -11.79 10.67
C ASN C 350 -15.97 -11.21 10.85
N MET C 351 -15.02 -12.00 11.35
CA MET C 351 -13.65 -11.52 11.56
C MET C 351 -13.06 -11.09 10.21
N THR C 352 -12.19 -10.09 10.24
CA THR C 352 -11.54 -9.57 9.02
C THR C 352 -10.51 -10.58 8.50
N ASN C 353 -10.52 -10.82 7.18
CA ASN C 353 -9.48 -11.60 6.50
C ASN C 353 -8.31 -10.66 6.18
N GLN C 354 -7.17 -10.86 6.84
CA GLN C 354 -6.02 -9.95 6.71
C GLN C 354 -5.11 -10.42 5.56
N ASN C 355 -5.44 -11.54 4.91
CA ASN C 355 -4.73 -12.01 3.73
C ASN C 355 -5.26 -11.27 2.49
N THR C 356 -4.56 -10.23 2.04
CA THR C 356 -5.04 -9.49 0.86
C THR C 356 -4.85 -10.34 -0.42
N PRO C 357 -5.66 -10.09 -1.46
CA PRO C 357 -5.39 -10.73 -2.75
C PRO C 357 -3.94 -10.59 -3.25
N GLU C 358 -3.35 -9.40 -3.12
CA GLU C 358 -1.96 -9.19 -3.55
C GLU C 358 -1.01 -10.11 -2.77
N TYR C 359 -1.18 -10.18 -1.46
CA TYR C 359 -0.32 -11.03 -0.61
C TYR C 359 -0.40 -12.50 -1.06
N MET C 360 -1.62 -12.99 -1.26
N MET C 360 -1.63 -12.98 -1.26
CA MET C 360 -1.83 -14.41 -1.57
CA MET C 360 -1.85 -14.40 -1.55
C MET C 360 -1.25 -14.75 -2.95
C MET C 360 -1.26 -14.74 -2.94
N GLU C 361 -1.40 -13.84 -3.91
CA GLU C 361 -0.87 -14.05 -5.28
C GLU C 361 0.66 -14.11 -5.25
N LYS C 362 1.29 -13.22 -4.48
CA LYS C 362 2.75 -13.15 -4.35
C LYS C 362 3.28 -14.50 -3.79
N ILE C 363 2.66 -15.01 -2.73
CA ILE C 363 3.13 -16.28 -2.11
C ILE C 363 2.95 -17.43 -3.11
N LYS C 364 1.76 -17.49 -3.73
CA LYS C 364 1.45 -18.57 -4.68
C LYS C 364 2.46 -18.57 -5.84
N GLN C 365 2.80 -17.38 -6.38
CA GLN C 365 3.72 -17.33 -7.54
C GLN C 365 5.11 -17.83 -7.13
N ARG C 366 5.57 -17.48 -5.94
CA ARG C 366 6.90 -17.95 -5.48
C ARG C 366 6.89 -19.47 -5.31
N LEU C 367 5.83 -20.04 -4.73
CA LEU C 367 5.79 -21.51 -4.51
C LEU C 367 5.78 -22.24 -5.87
N PHE C 368 5.03 -21.73 -6.84
CA PHE C 368 5.03 -22.32 -8.20
C PHE C 368 6.44 -22.23 -8.83
N GLU C 369 7.15 -21.12 -8.66
CA GLU C 369 8.52 -21.01 -9.18
C GLU C 369 9.41 -22.10 -8.53
N ASN C 370 9.24 -22.31 -7.23
CA ASN C 370 10.08 -23.30 -6.52
C ASN C 370 9.76 -24.72 -7.00
N LEU C 371 8.48 -25.02 -7.24
CA LEU C 371 8.10 -26.37 -7.66
C LEU C 371 8.62 -26.67 -9.08
N ARG C 372 8.81 -25.63 -9.91
CA ARG C 372 9.37 -25.82 -11.27
C ARG C 372 10.84 -26.23 -11.20
N MET C 373 11.48 -26.17 -10.02
CA MET C 373 12.89 -26.58 -9.88
C MET C 373 13.01 -28.09 -9.65
N LEU C 374 11.91 -28.81 -9.44
CA LEU C 374 11.95 -30.28 -9.33
C LEU C 374 12.22 -30.89 -10.71
N PRO C 375 12.81 -32.10 -10.75
CA PRO C 375 13.05 -32.80 -12.01
C PRO C 375 11.75 -33.42 -12.55
#